data_2WFK
#
_entry.id   2WFK
#
_cell.length_a   121.905
_cell.length_b   121.905
_cell.length_c   206.784
_cell.angle_alpha   90.00
_cell.angle_beta   90.00
_cell.angle_gamma   90.00
#
_symmetry.space_group_name_H-M   'P 43 21 2'
#
loop_
_entity.id
_entity.type
_entity.pdbx_description
1 polymer LIPL32
2 non-polymer 'CALCIUM ION'
3 water water
#
_entity_poly.entity_id   1
_entity_poly.type   'polypeptide(L)'
_entity_poly.pdbx_seq_one_letter_code
;DRWIRPRGAFGGLPSLKSSFVLSESTVPGTNETVKTFLPYGSVINYYGYVKPGQAPDGLVDGNKKAYYLYVWIPAVIAE
(MSE)GVR(MSE)ISPTGEIGEPGDGDLVSDAFKAATPEEKS(MSE)PHWFDTWIRVER(MSE)SAI(MSE)PDQIAKAA
KAKPVQKLDDDDDGDDTYKEERHNKYNSLTRIKIPNPPKSFDDLKNIDTKKLLVRGLYRISFTTYKPGEVKGSFVASVGL
LFPPGIPGVSPLIHSNPEELQKQAIAAEESLKKAASDATK
;
_entity_poly.pdbx_strand_id   A,B,C,D,E
#
loop_
_chem_comp.id
_chem_comp.type
_chem_comp.name
_chem_comp.formula
CA non-polymer 'CALCIUM ION' 'Ca 2'
#
# COMPACT_ATOMS: atom_id res chain seq x y z
N ASP A 1 -19.87 -25.01 5.75
CA ASP A 1 -18.84 -25.21 4.72
C ASP A 1 -19.36 -26.15 3.63
N ARG A 2 -20.67 -26.08 3.40
CA ARG A 2 -21.35 -26.89 2.38
C ARG A 2 -20.95 -26.50 0.95
N TRP A 3 -20.35 -25.32 0.79
CA TRP A 3 -20.00 -24.82 -0.54
C TRP A 3 -18.82 -25.54 -1.18
N ILE A 4 -17.95 -26.14 -0.36
CA ILE A 4 -16.79 -26.88 -0.85
C ILE A 4 -17.21 -28.22 -1.45
N ARG A 5 -18.31 -28.74 -0.93
CA ARG A 5 -18.80 -30.07 -1.29
C ARG A 5 -19.34 -30.06 -2.71
N PRO A 6 -19.06 -31.14 -3.46
CA PRO A 6 -19.56 -31.15 -4.84
C PRO A 6 -21.05 -31.46 -4.90
N ARG A 7 -21.69 -30.91 -5.92
CA ARG A 7 -22.94 -31.44 -6.46
C ARG A 7 -23.70 -30.36 -7.19
N GLY A 8 -24.20 -30.71 -8.36
CA GLY A 8 -25.09 -29.86 -9.11
C GLY A 8 -26.39 -30.61 -9.29
N ALA A 9 -26.49 -31.76 -8.62
CA ALA A 9 -27.63 -32.65 -8.79
C ALA A 9 -27.95 -32.59 -10.28
N PHE A 10 -26.94 -32.92 -11.06
CA PHE A 10 -26.84 -32.53 -12.47
C PHE A 10 -28.15 -32.38 -13.25
N GLY A 11 -28.16 -31.40 -14.15
CA GLY A 11 -29.31 -31.14 -15.01
C GLY A 11 -28.91 -30.45 -16.30
N GLY A 12 -27.69 -30.70 -16.76
CA GLY A 12 -27.21 -30.13 -18.00
C GLY A 12 -26.04 -29.18 -17.83
N LEU A 13 -26.25 -28.11 -17.07
CA LEU A 13 -25.25 -27.05 -16.95
C LEU A 13 -24.06 -27.42 -16.08
N PRO A 14 -22.88 -27.56 -16.70
CA PRO A 14 -21.64 -27.90 -15.99
C PRO A 14 -21.30 -26.87 -14.91
N SER A 15 -20.82 -27.33 -13.77
CA SER A 15 -20.43 -26.45 -12.69
C SER A 15 -19.36 -25.46 -13.18
N LEU A 16 -19.42 -24.25 -12.63
CA LEU A 16 -18.37 -23.29 -12.92
C LEU A 16 -17.47 -23.36 -11.70
N LYS A 17 -16.24 -23.81 -11.93
CA LYS A 17 -15.27 -23.96 -10.84
C LYS A 17 -14.14 -22.95 -10.97
N SER A 18 -13.41 -22.74 -9.87
CA SER A 18 -12.26 -21.85 -9.87
C SER A 18 -11.09 -22.53 -10.58
N SER A 19 -10.01 -21.80 -10.78
CA SER A 19 -8.83 -22.34 -11.43
C SER A 19 -7.85 -22.91 -10.41
N PHE A 20 -8.26 -22.93 -9.15
CA PHE A 20 -7.39 -23.44 -8.10
C PHE A 20 -7.42 -24.96 -8.00
N VAL A 21 -6.30 -25.59 -8.34
CA VAL A 21 -6.20 -27.04 -8.36
C VAL A 21 -5.91 -27.62 -6.98
N LEU A 22 -6.80 -28.50 -6.51
CA LEU A 22 -6.66 -29.13 -5.21
C LEU A 22 -5.94 -30.46 -5.33
N SER A 23 -6.25 -31.19 -6.39
CA SER A 23 -5.75 -32.53 -6.60
C SER A 23 -5.44 -32.77 -8.05
N GLU A 24 -4.50 -33.66 -8.32
CA GLU A 24 -4.11 -33.98 -9.68
C GLU A 24 -3.57 -35.40 -9.72
N SER A 25 -3.96 -36.15 -10.75
CA SER A 25 -3.50 -37.52 -10.91
C SER A 25 -3.61 -37.94 -12.36
N THR A 26 -2.52 -38.42 -12.93
CA THR A 26 -2.51 -38.85 -14.32
C THR A 26 -2.94 -40.31 -14.46
N VAL A 27 -3.57 -40.62 -15.59
CA VAL A 27 -4.03 -41.97 -15.87
C VAL A 27 -3.00 -42.73 -16.70
N PRO A 28 -2.33 -43.72 -16.09
CA PRO A 28 -1.26 -44.46 -16.78
C PRO A 28 -1.76 -45.07 -18.09
N GLY A 29 -0.90 -45.10 -19.09
CA GLY A 29 -1.24 -45.69 -20.38
C GLY A 29 -2.17 -44.85 -21.22
N THR A 30 -2.35 -43.60 -20.84
CA THR A 30 -3.20 -42.67 -21.61
C THR A 30 -2.57 -41.29 -21.63
N ASN A 31 -3.23 -40.36 -22.33
CA ASN A 31 -2.79 -38.97 -22.37
C ASN A 31 -3.59 -38.08 -21.42
N GLU A 32 -4.37 -38.72 -20.55
CA GLU A 32 -5.29 -38.00 -19.68
C GLU A 32 -4.79 -37.79 -18.26
N THR A 33 -5.28 -36.73 -17.64
CA THR A 33 -5.05 -36.48 -16.22
C THR A 33 -6.30 -35.89 -15.57
N VAL A 34 -6.58 -36.36 -14.36
CA VAL A 34 -7.78 -35.97 -13.64
C VAL A 34 -7.48 -34.86 -12.65
N LYS A 35 -8.16 -33.73 -12.78
CA LYS A 35 -7.93 -32.60 -11.89
C LYS A 35 -9.16 -32.21 -11.07
N THR A 36 -8.95 -32.06 -9.76
CA THR A 36 -10.00 -31.62 -8.85
C THR A 36 -9.80 -30.15 -8.55
N PHE A 37 -10.82 -29.34 -8.85
CA PHE A 37 -10.74 -27.90 -8.66
C PHE A 37 -11.53 -27.44 -7.44
N LEU A 38 -11.06 -26.37 -6.82
CA LEU A 38 -11.79 -25.75 -5.72
C LEU A 38 -13.02 -25.03 -6.29
N PRO A 39 -14.21 -25.35 -5.77
CA PRO A 39 -15.41 -24.64 -6.21
C PRO A 39 -15.40 -23.20 -5.72
N TYR A 40 -16.12 -22.33 -6.40
CA TYR A 40 -16.32 -20.98 -5.90
C TYR A 40 -17.18 -21.02 -4.66
N GLY A 41 -16.97 -20.08 -3.75
CA GLY A 41 -17.75 -20.02 -2.53
C GLY A 41 -19.22 -19.82 -2.85
N SER A 42 -19.47 -18.98 -3.84
CA SER A 42 -20.82 -18.75 -4.32
C SER A 42 -20.85 -18.73 -5.83
N VAL A 43 -21.84 -19.39 -6.40
CA VAL A 43 -22.06 -19.35 -7.84
C VAL A 43 -23.51 -18.98 -8.13
N ILE A 44 -23.69 -18.05 -9.06
CA ILE A 44 -25.03 -17.65 -9.46
C ILE A 44 -25.22 -17.85 -10.96
N ASN A 45 -26.34 -18.44 -11.33
CA ASN A 45 -26.69 -18.62 -12.74
C ASN A 45 -27.83 -17.68 -13.11
N TYR A 46 -27.74 -17.13 -14.32
CA TYR A 46 -28.69 -16.13 -14.76
C TYR A 46 -29.18 -16.48 -16.17
N TYR A 47 -30.49 -16.71 -16.29
CA TYR A 47 -31.08 -17.09 -17.56
C TYR A 47 -31.77 -15.89 -18.20
N GLY A 48 -31.33 -15.54 -19.40
CA GLY A 48 -31.89 -14.42 -20.13
C GLY A 48 -32.29 -14.80 -21.54
N TYR A 49 -32.91 -13.87 -22.24
CA TYR A 49 -33.33 -14.09 -23.61
C TYR A 49 -33.32 -12.77 -24.38
N VAL A 50 -32.60 -12.75 -25.50
CA VAL A 50 -32.50 -11.55 -26.30
C VAL A 50 -33.51 -11.60 -27.44
N LYS A 51 -34.48 -10.69 -27.37
CA LYS A 51 -35.54 -10.61 -28.35
C LYS A 51 -35.33 -9.36 -29.18
N PRO A 52 -35.27 -9.52 -30.52
CA PRO A 52 -35.12 -8.35 -31.39
C PRO A 52 -36.24 -7.35 -31.12
N GLY A 53 -35.88 -6.07 -30.99
CA GLY A 53 -36.86 -5.04 -30.75
C GLY A 53 -37.19 -4.83 -29.28
N GLN A 54 -36.50 -5.56 -28.41
CA GLN A 54 -36.70 -5.39 -26.97
C GLN A 54 -35.47 -4.72 -26.34
N ALA A 55 -35.72 -3.69 -25.53
CA ALA A 55 -34.63 -2.92 -24.94
C ALA A 55 -33.78 -3.76 -23.99
N PRO A 56 -32.45 -3.60 -24.08
CA PRO A 56 -31.49 -4.29 -23.21
C PRO A 56 -31.35 -3.50 -21.91
N ASP A 57 -30.44 -3.91 -21.04
CA ASP A 57 -30.13 -3.12 -19.85
C ASP A 57 -29.32 -1.90 -20.28
N GLY A 58 -28.52 -2.08 -21.31
CA GLY A 58 -27.70 -1.00 -21.83
C GLY A 58 -26.96 -1.43 -23.07
N LEU A 59 -26.05 -0.58 -23.52
CA LEU A 59 -25.25 -0.87 -24.71
C LEU A 59 -23.77 -0.89 -24.37
N VAL A 60 -23.04 -1.73 -25.09
CA VAL A 60 -21.59 -1.79 -24.97
C VAL A 60 -20.98 -1.20 -26.23
N ASP A 61 -20.03 -0.28 -26.06
CA ASP A 61 -19.40 0.38 -27.19
C ASP A 61 -20.45 1.02 -28.12
N GLY A 62 -21.62 1.33 -27.56
CA GLY A 62 -22.63 2.07 -28.28
C GLY A 62 -23.60 1.28 -29.16
N ASN A 63 -23.25 0.04 -29.51
CA ASN A 63 -24.09 -0.71 -30.44
C ASN A 63 -24.35 -2.19 -30.09
N LYS A 64 -23.75 -2.67 -29.02
CA LYS A 64 -23.97 -4.05 -28.59
C LYS A 64 -24.97 -4.10 -27.44
N LYS A 65 -26.01 -4.92 -27.59
CA LYS A 65 -26.96 -5.12 -26.52
C LYS A 65 -26.28 -5.78 -25.32
N ALA A 66 -26.53 -5.25 -24.12
CA ALA A 66 -25.88 -5.77 -22.92
C ALA A 66 -26.86 -5.95 -21.77
N TYR A 67 -26.58 -6.94 -20.93
CA TYR A 67 -27.40 -7.21 -19.75
C TYR A 67 -26.48 -7.35 -18.54
N TYR A 68 -26.86 -6.67 -17.46
CA TYR A 68 -25.94 -6.48 -16.34
C TYR A 68 -26.20 -7.38 -15.14
N LEU A 69 -25.11 -7.77 -14.50
CA LEU A 69 -25.16 -8.26 -13.13
C LEU A 69 -24.20 -7.39 -12.34
N TYR A 70 -24.62 -6.98 -11.15
CA TYR A 70 -23.77 -6.16 -10.29
C TYR A 70 -23.23 -6.97 -9.13
N VAL A 71 -21.95 -6.77 -8.83
CA VAL A 71 -21.32 -7.50 -7.75
C VAL A 71 -20.76 -6.53 -6.71
N TRP A 72 -21.22 -6.66 -5.48
CA TRP A 72 -20.64 -5.89 -4.38
C TRP A 72 -19.65 -6.74 -3.61
N ILE A 73 -18.42 -6.26 -3.52
CA ILE A 73 -17.37 -6.98 -2.82
C ILE A 73 -16.93 -6.20 -1.59
N PRO A 74 -17.25 -6.71 -0.40
CA PRO A 74 -16.90 -6.05 0.87
C PRO A 74 -15.39 -5.99 1.09
N ALA A 75 -14.67 -7.05 0.73
CA ALA A 75 -13.24 -7.11 0.94
C ALA A 75 -12.56 -8.04 -0.06
N VAL A 76 -11.30 -7.75 -0.35
CA VAL A 76 -10.56 -8.42 -1.42
C VAL A 76 -10.92 -9.89 -1.63
N ILE A 77 -10.99 -10.29 -2.89
CA ILE A 77 -11.33 -11.66 -3.28
C ILE A 77 -10.27 -12.17 -4.24
N ALA A 78 -9.97 -13.47 -4.13
CA ALA A 78 -8.90 -14.07 -4.91
C ALA A 78 -9.20 -14.14 -6.41
N GLU A 79 -10.41 -14.56 -6.75
CA GLU A 79 -10.73 -14.86 -8.13
C GLU A 79 -12.24 -14.71 -8.40
N MSE A 80 -12.57 -14.24 -9.60
CA MSE A 80 -13.95 -14.17 -10.06
C MSE A 80 -14.03 -14.92 -11.37
O MSE A 80 -13.18 -14.75 -12.25
CB MSE A 80 -14.38 -12.71 -10.25
CG MSE A 80 -15.74 -12.53 -10.90
SE MSE A 80 -16.20 -10.66 -11.30
CE MSE A 80 -16.37 -9.95 -9.49
N GLY A 81 -15.04 -15.77 -11.51
CA GLY A 81 -15.25 -16.50 -12.75
C GLY A 81 -16.53 -16.06 -13.43
N VAL A 82 -16.44 -15.74 -14.71
CA VAL A 82 -17.61 -15.34 -15.48
C VAL A 82 -17.75 -16.19 -16.75
N ARG A 83 -18.96 -16.67 -17.00
CA ARG A 83 -19.23 -17.52 -18.16
C ARG A 83 -20.54 -17.14 -18.84
N MSE A 84 -20.60 -17.35 -20.16
CA MSE A 84 -21.81 -17.05 -20.90
C MSE A 84 -22.00 -18.01 -22.08
O MSE A 84 -21.15 -18.10 -22.96
CB MSE A 84 -21.79 -15.60 -21.41
CG MSE A 84 -23.15 -15.06 -21.79
SE MSE A 84 -23.06 -13.35 -22.70
CE MSE A 84 -24.97 -13.15 -23.17
N ILE A 85 -23.13 -18.73 -22.08
CA ILE A 85 -23.41 -19.72 -23.12
C ILE A 85 -24.73 -19.44 -23.82
N SER A 86 -24.78 -19.71 -25.12
CA SER A 86 -25.99 -19.56 -25.91
C SER A 86 -26.02 -20.65 -26.97
N PRO A 87 -27.19 -21.31 -27.17
CA PRO A 87 -28.45 -21.14 -26.46
C PRO A 87 -28.52 -22.07 -25.26
N THR A 88 -29.66 -22.11 -24.59
CA THR A 88 -29.82 -22.87 -23.35
C THR A 88 -30.66 -24.15 -23.53
N GLY A 89 -31.57 -24.13 -24.51
CA GLY A 89 -32.56 -25.18 -24.67
C GLY A 89 -32.05 -26.59 -24.44
N GLU A 90 -31.02 -26.97 -25.21
CA GLU A 90 -30.47 -28.32 -25.16
C GLU A 90 -29.67 -28.61 -23.88
N ILE A 91 -29.45 -27.59 -23.06
CA ILE A 91 -28.69 -27.77 -21.82
C ILE A 91 -29.60 -28.04 -20.62
N GLY A 92 -30.59 -27.17 -20.41
CA GLY A 92 -31.54 -27.35 -19.33
C GLY A 92 -32.31 -26.09 -19.00
N GLU A 93 -33.23 -26.21 -18.06
CA GLU A 93 -34.03 -25.08 -17.63
C GLU A 93 -33.53 -24.60 -16.27
N PRO A 94 -33.83 -23.34 -15.93
CA PRO A 94 -33.42 -22.79 -14.63
C PRO A 94 -33.94 -23.67 -13.48
N GLY A 95 -33.16 -23.76 -12.41
CA GLY A 95 -33.60 -24.46 -11.21
C GLY A 95 -33.79 -23.50 -10.06
N ASP A 96 -33.94 -24.04 -8.86
CA ASP A 96 -34.08 -23.21 -7.66
C ASP A 96 -32.80 -22.43 -7.39
N GLY A 97 -32.95 -21.13 -7.15
CA GLY A 97 -31.81 -20.29 -6.83
C GLY A 97 -31.24 -19.57 -8.03
N ASP A 98 -31.69 -19.94 -9.23
CA ASP A 98 -31.24 -19.31 -10.45
C ASP A 98 -32.02 -18.05 -10.77
N LEU A 99 -31.33 -17.02 -11.25
CA LEU A 99 -31.99 -15.80 -11.71
C LEU A 99 -32.55 -16.03 -13.10
N VAL A 100 -33.77 -15.54 -13.32
CA VAL A 100 -34.44 -15.72 -14.60
C VAL A 100 -35.10 -14.42 -15.02
N SER A 101 -34.73 -13.92 -16.21
CA SER A 101 -35.30 -12.68 -16.72
C SER A 101 -36.74 -12.91 -17.19
N ASP A 102 -37.51 -11.83 -17.21
CA ASP A 102 -38.89 -11.90 -17.70
C ASP A 102 -38.94 -12.40 -19.14
N ALA A 103 -38.02 -11.91 -19.98
CA ALA A 103 -37.96 -12.31 -21.38
C ALA A 103 -37.76 -13.82 -21.50
N PHE A 104 -36.95 -14.39 -20.62
CA PHE A 104 -36.69 -15.83 -20.66
C PHE A 104 -37.94 -16.63 -20.28
N LYS A 105 -38.65 -16.15 -19.26
CA LYS A 105 -39.89 -16.80 -18.84
C LYS A 105 -40.90 -16.82 -19.99
N ALA A 106 -40.99 -15.71 -20.73
CA ALA A 106 -41.95 -15.60 -21.82
C ALA A 106 -41.59 -16.48 -23.02
N ALA A 107 -40.30 -16.78 -23.18
CA ALA A 107 -39.83 -17.52 -24.35
C ALA A 107 -40.26 -18.99 -24.35
N THR A 108 -40.56 -19.51 -25.53
CA THR A 108 -40.97 -20.90 -25.67
C THR A 108 -39.76 -21.82 -25.81
N PRO A 109 -39.95 -23.11 -25.51
CA PRO A 109 -38.87 -24.10 -25.67
C PRO A 109 -38.22 -24.02 -27.05
N GLU A 110 -39.02 -23.77 -28.08
CA GLU A 110 -38.51 -23.69 -29.44
C GLU A 110 -37.61 -22.48 -29.62
N GLU A 111 -38.01 -21.37 -29.02
CA GLU A 111 -37.24 -20.12 -29.10
C GLU A 111 -35.91 -20.26 -28.36
N LYS A 112 -35.86 -21.15 -27.38
CA LYS A 112 -34.70 -21.27 -26.52
C LYS A 112 -33.69 -22.30 -27.03
N SER A 113 -33.99 -22.90 -28.17
CA SER A 113 -33.12 -23.92 -28.74
C SER A 113 -32.57 -23.53 -30.11
N MSE A 114 -31.64 -24.33 -30.62
CA MSE A 114 -31.17 -24.19 -31.99
C MSE A 114 -32.36 -24.24 -32.94
O MSE A 114 -33.30 -25.00 -32.71
CB MSE A 114 -30.18 -25.30 -32.34
CG MSE A 114 -28.87 -25.23 -31.56
SE MSE A 114 -27.83 -23.62 -31.95
CE MSE A 114 -27.19 -24.08 -33.74
N PRO A 115 -32.31 -23.48 -34.05
CA PRO A 115 -31.14 -22.75 -34.56
C PRO A 115 -31.01 -21.33 -34.00
N HIS A 116 -31.69 -21.03 -32.90
CA HIS A 116 -31.65 -19.67 -32.36
C HIS A 116 -30.58 -19.51 -31.30
N TRP A 117 -29.62 -18.64 -31.58
CA TRP A 117 -28.49 -18.41 -30.70
C TRP A 117 -27.67 -17.25 -31.21
N PHE A 118 -26.73 -16.79 -30.39
CA PHE A 118 -25.81 -15.74 -30.81
C PHE A 118 -24.41 -15.94 -30.22
N ASP A 119 -23.46 -15.24 -30.82
CA ASP A 119 -22.07 -15.27 -30.40
C ASP A 119 -21.89 -14.42 -29.14
N THR A 120 -21.59 -15.06 -28.01
CA THR A 120 -21.59 -14.36 -26.72
C THR A 120 -20.36 -13.48 -26.52
N TRP A 121 -20.43 -12.57 -25.55
CA TRP A 121 -19.29 -11.73 -25.22
C TRP A 121 -19.47 -11.22 -23.79
N ILE A 122 -18.37 -11.23 -23.03
CA ILE A 122 -18.41 -10.78 -21.65
C ILE A 122 -17.44 -9.63 -21.40
N ARG A 123 -17.88 -8.65 -20.62
CA ARG A 123 -17.01 -7.58 -20.17
C ARG A 123 -17.19 -7.34 -18.68
N VAL A 124 -16.08 -7.13 -17.98
CA VAL A 124 -16.11 -6.83 -16.55
C VAL A 124 -15.52 -5.45 -16.29
N GLU A 125 -16.24 -4.64 -15.52
CA GLU A 125 -15.78 -3.28 -15.22
C GLU A 125 -15.88 -2.95 -13.74
N ARG A 126 -14.95 -2.13 -13.26
CA ARG A 126 -14.99 -1.62 -11.90
C ARG A 126 -15.79 -0.32 -11.88
N MSE A 127 -16.80 -0.25 -11.02
CA MSE A 127 -17.60 0.96 -10.92
C MSE A 127 -17.03 1.86 -9.81
O MSE A 127 -15.99 1.54 -9.22
CB MSE A 127 -19.07 0.61 -10.67
CG MSE A 127 -19.63 -0.36 -11.69
SE MSE A 127 -19.50 0.27 -13.54
CE MSE A 127 -21.08 1.41 -13.60
N SER A 128 -17.68 2.98 -9.55
CA SER A 128 -17.11 3.98 -8.63
C SER A 128 -17.44 3.74 -7.15
N ALA A 129 -18.56 3.07 -6.89
CA ALA A 129 -19.00 2.85 -5.51
C ALA A 129 -17.94 2.17 -4.64
N ILE A 130 -17.78 2.66 -3.42
CA ILE A 130 -16.89 2.04 -2.44
C ILE A 130 -17.61 1.91 -1.10
N MSE A 131 -18.88 2.29 -1.08
CA MSE A 131 -19.73 2.09 0.08
C MSE A 131 -21.10 1.63 -0.40
O MSE A 131 -21.59 2.11 -1.42
CB MSE A 131 -19.86 3.39 0.90
CG MSE A 131 -18.59 3.80 1.62
SE MSE A 131 -18.13 2.68 3.15
CE MSE A 131 -19.07 3.65 4.56
N PRO A 132 -21.72 0.69 0.33
CA PRO A 132 -23.00 0.07 -0.04
C PRO A 132 -24.09 1.05 -0.48
N ASP A 133 -24.19 2.23 0.12
CA ASP A 133 -25.27 3.16 -0.23
C ASP A 133 -24.94 4.05 -1.44
N GLN A 134 -23.79 3.81 -2.06
CA GLN A 134 -23.40 4.53 -3.27
C GLN A 134 -23.64 3.68 -4.51
N ILE A 135 -24.13 2.46 -4.28
CA ILE A 135 -24.27 1.48 -5.34
C ILE A 135 -25.27 1.88 -6.44
N ALA A 136 -26.48 2.24 -6.05
CA ALA A 136 -27.48 2.67 -7.03
C ALA A 136 -26.95 3.87 -7.81
N LYS A 137 -26.18 4.71 -7.12
CA LYS A 137 -25.59 5.91 -7.72
C LYS A 137 -24.55 5.54 -8.77
N ALA A 138 -23.55 4.75 -8.36
CA ALA A 138 -22.47 4.35 -9.24
C ALA A 138 -22.94 3.56 -10.47
N ALA A 139 -24.02 2.81 -10.33
CA ALA A 139 -24.58 2.07 -11.46
C ALA A 139 -25.00 3.02 -12.59
N LYS A 140 -25.48 4.20 -12.22
CA LYS A 140 -25.92 5.20 -13.19
C LYS A 140 -24.73 5.95 -13.81
N ALA A 141 -23.60 5.91 -13.12
CA ALA A 141 -22.41 6.63 -13.56
C ALA A 141 -21.58 5.79 -14.52
N LYS A 142 -20.61 6.43 -15.15
CA LYS A 142 -19.73 5.75 -16.09
C LYS A 142 -18.78 4.83 -15.36
N PRO A 143 -18.38 3.73 -16.01
CA PRO A 143 -17.36 2.82 -15.49
C PRO A 143 -16.12 3.58 -15.05
N VAL A 144 -15.24 2.92 -14.31
CA VAL A 144 -14.03 3.54 -13.78
C VAL A 144 -12.79 2.86 -14.35
N GLN A 145 -12.88 1.55 -14.57
CA GLN A 145 -11.81 0.80 -15.20
C GLN A 145 -12.36 -0.48 -15.80
N LYS A 146 -11.88 -0.84 -16.98
CA LYS A 146 -12.24 -2.11 -17.59
C LYS A 146 -11.25 -3.18 -17.16
N LEU A 147 -11.75 -4.25 -16.56
CA LEU A 147 -10.90 -5.31 -16.05
C LEU A 147 -10.60 -6.37 -17.11
N ASP A 148 -11.63 -6.77 -17.86
CA ASP A 148 -11.41 -7.78 -18.89
C ASP A 148 -12.55 -7.87 -19.91
N ASP A 149 -12.22 -8.49 -21.04
CA ASP A 149 -13.16 -8.81 -22.09
C ASP A 149 -12.88 -10.25 -22.50
N ASP A 150 -13.92 -11.04 -22.73
CA ASP A 150 -13.71 -12.33 -23.36
C ASP A 150 -14.73 -12.63 -24.45
N ASP A 151 -14.22 -13.16 -25.54
CA ASP A 151 -15.05 -13.55 -26.67
C ASP A 151 -15.34 -15.04 -26.63
N ASP A 152 -14.34 -15.86 -26.97
CA ASP A 152 -14.54 -17.29 -27.17
C ASP A 152 -13.76 -18.19 -26.21
N GLY A 153 -13.74 -17.84 -24.92
CA GLY A 153 -12.89 -18.53 -23.97
C GLY A 153 -13.40 -19.80 -23.31
N ASP A 154 -14.70 -20.06 -23.38
CA ASP A 154 -15.27 -21.17 -22.60
C ASP A 154 -14.75 -22.56 -22.96
N ASP A 155 -14.36 -23.31 -21.93
CA ASP A 155 -13.92 -24.69 -22.11
C ASP A 155 -14.59 -25.62 -21.10
N THR A 156 -15.58 -25.10 -20.39
CA THR A 156 -16.28 -25.89 -19.38
C THR A 156 -17.44 -26.66 -19.98
N TYR A 157 -18.08 -26.09 -20.99
CA TYR A 157 -19.18 -26.76 -21.67
C TYR A 157 -18.77 -27.24 -23.06
N LYS A 158 -18.90 -28.53 -23.29
CA LYS A 158 -18.54 -29.10 -24.59
C LYS A 158 -19.55 -28.69 -25.65
N GLU A 159 -19.24 -27.61 -26.37
CA GLU A 159 -20.17 -27.06 -27.35
C GLU A 159 -20.07 -27.78 -28.69
N GLU A 160 -21.19 -28.35 -29.13
CA GLU A 160 -21.21 -29.10 -30.38
C GLU A 160 -22.39 -28.73 -31.27
N ARG A 161 -23.22 -27.81 -30.79
CA ARG A 161 -24.37 -27.35 -31.57
C ARG A 161 -23.95 -26.30 -32.59
N HIS A 162 -22.78 -25.72 -32.37
CA HIS A 162 -22.25 -24.68 -33.24
C HIS A 162 -20.78 -24.43 -32.91
N ASN A 163 -20.17 -23.49 -33.62
CA ASN A 163 -18.79 -23.12 -33.33
C ASN A 163 -18.63 -22.75 -31.86
N LYS A 164 -17.46 -23.06 -31.30
CA LYS A 164 -17.20 -22.80 -29.89
C LYS A 164 -17.01 -21.31 -29.63
N TYR A 165 -18.11 -20.58 -29.57
CA TYR A 165 -18.06 -19.13 -29.37
C TYR A 165 -18.47 -18.69 -27.98
N ASN A 166 -18.69 -19.63 -27.08
CA ASN A 166 -19.12 -19.25 -25.74
C ASN A 166 -18.02 -18.56 -24.94
N SER A 167 -18.40 -17.72 -23.99
CA SER A 167 -17.45 -16.88 -23.28
C SER A 167 -17.10 -17.42 -21.90
N LEU A 168 -15.83 -17.24 -21.52
CA LEU A 168 -15.38 -17.57 -20.19
C LEU A 168 -14.18 -16.71 -19.82
N THR A 169 -14.25 -16.06 -18.67
CA THR A 169 -13.12 -15.29 -18.19
C THR A 169 -12.93 -15.48 -16.69
N ARG A 170 -11.68 -15.63 -16.30
CA ARG A 170 -11.32 -15.69 -14.89
C ARG A 170 -10.37 -14.56 -14.54
N ILE A 171 -10.81 -13.69 -13.65
CA ILE A 171 -10.00 -12.59 -13.16
C ILE A 171 -9.38 -13.01 -11.84
N LYS A 172 -8.05 -13.04 -11.77
CA LYS A 172 -7.41 -13.50 -10.56
C LYS A 172 -5.99 -12.97 -10.35
N ILE A 173 -5.46 -13.23 -9.17
CA ILE A 173 -4.09 -12.94 -8.85
C ILE A 173 -3.26 -14.17 -9.22
N PRO A 174 -2.09 -13.95 -9.82
CA PRO A 174 -1.20 -15.08 -10.12
C PRO A 174 -1.12 -16.04 -8.93
N ASN A 175 -1.36 -17.31 -9.19
CA ASN A 175 -1.32 -18.32 -8.14
C ASN A 175 -0.90 -19.67 -8.72
N PRO A 176 0.41 -19.99 -8.66
CA PRO A 176 1.44 -19.18 -8.01
C PRO A 176 2.01 -18.13 -8.95
N PRO A 177 2.72 -17.14 -8.40
CA PRO A 177 3.38 -16.13 -9.25
C PRO A 177 4.47 -16.79 -10.07
N LYS A 178 4.83 -16.17 -11.19
CA LYS A 178 5.94 -16.67 -12.00
C LYS A 178 7.25 -16.46 -11.23
N SER A 179 7.27 -15.40 -10.42
CA SER A 179 8.41 -15.14 -9.54
C SER A 179 7.92 -14.43 -8.29
N PHE A 180 8.78 -14.38 -7.28
CA PHE A 180 8.49 -13.55 -6.11
C PHE A 180 8.59 -12.08 -6.49
N ASP A 181 9.24 -11.80 -7.60
CA ASP A 181 9.29 -10.43 -8.13
C ASP A 181 7.97 -10.01 -8.76
N ASP A 182 7.18 -10.98 -9.20
CA ASP A 182 5.82 -10.73 -9.67
C ASP A 182 5.06 -9.87 -8.66
N LEU A 183 5.07 -10.34 -7.41
CA LEU A 183 4.25 -9.77 -6.34
C LEU A 183 4.38 -8.27 -6.11
N LYS A 184 5.44 -7.66 -6.62
CA LYS A 184 5.76 -6.26 -6.30
C LYS A 184 5.06 -5.27 -7.24
N ASN A 185 4.47 -5.81 -8.30
CA ASN A 185 3.75 -5.05 -9.30
C ASN A 185 2.73 -6.00 -9.86
N ILE A 186 1.54 -6.03 -9.32
CA ILE A 186 0.54 -6.85 -9.96
C ILE A 186 -0.38 -5.93 -10.72
N ASP A 187 -0.54 -6.24 -12.01
CA ASP A 187 -1.47 -5.49 -12.85
C ASP A 187 -2.75 -5.28 -12.07
N THR A 188 -3.15 -4.01 -11.92
CA THR A 188 -4.31 -3.65 -11.12
C THR A 188 -5.62 -4.08 -11.77
N LYS A 189 -5.55 -4.49 -13.03
CA LYS A 189 -6.71 -5.01 -13.73
C LYS A 189 -7.24 -6.25 -13.02
N LYS A 190 -6.55 -6.68 -11.96
CA LYS A 190 -6.86 -7.95 -11.32
C LYS A 190 -7.16 -7.89 -9.84
N LEU A 191 -7.08 -6.72 -9.24
CA LEU A 191 -7.31 -6.66 -7.80
C LEU A 191 -8.79 -6.45 -7.49
N LEU A 192 -9.45 -7.53 -7.14
CA LEU A 192 -10.86 -7.51 -6.79
C LEU A 192 -11.02 -7.06 -5.35
N VAL A 193 -10.62 -5.81 -5.10
CA VAL A 193 -10.69 -5.22 -3.77
C VAL A 193 -12.09 -4.67 -3.55
N ARG A 194 -12.35 -4.22 -2.33
CA ARG A 194 -13.66 -3.67 -1.97
C ARG A 194 -14.20 -2.79 -3.10
N GLY A 195 -15.49 -2.92 -3.39
CA GLY A 195 -16.11 -2.09 -4.41
C GLY A 195 -17.19 -2.75 -5.24
N LEU A 196 -17.77 -1.95 -6.13
CA LEU A 196 -18.83 -2.41 -7.01
C LEU A 196 -18.27 -2.77 -8.38
N TYR A 197 -18.71 -3.90 -8.90
CA TYR A 197 -18.30 -4.35 -10.23
C TYR A 197 -19.53 -4.60 -11.09
N ARG A 198 -19.45 -4.24 -12.35
CA ARG A 198 -20.53 -4.53 -13.27
C ARG A 198 -20.07 -5.52 -14.32
N ILE A 199 -20.82 -6.60 -14.46
CA ILE A 199 -20.56 -7.58 -15.50
C ILE A 199 -21.54 -7.35 -16.63
N SER A 200 -21.02 -7.17 -17.84
CA SER A 200 -21.84 -7.00 -19.01
C SER A 200 -21.90 -8.28 -19.82
N PHE A 201 -23.09 -8.89 -19.85
CA PHE A 201 -23.32 -10.01 -20.74
C PHE A 201 -23.87 -9.46 -22.05
N THR A 202 -23.08 -9.60 -23.10
CA THR A 202 -23.36 -8.92 -24.34
C THR A 202 -23.04 -9.83 -25.54
N THR A 203 -22.76 -9.23 -26.70
CA THR A 203 -22.64 -10.00 -27.92
C THR A 203 -21.39 -9.64 -28.71
N TYR A 204 -20.87 -10.62 -29.45
CA TYR A 204 -19.77 -10.34 -30.37
C TYR A 204 -20.26 -9.39 -31.46
N LYS A 205 -21.44 -9.68 -32.00
CA LYS A 205 -21.98 -8.96 -33.14
C LYS A 205 -22.72 -7.70 -32.71
N PRO A 206 -22.45 -6.57 -33.39
CA PRO A 206 -23.22 -5.34 -33.15
C PRO A 206 -24.64 -5.49 -33.67
N GLY A 207 -25.57 -4.73 -33.11
CA GLY A 207 -26.93 -4.70 -33.61
C GLY A 207 -27.81 -5.84 -33.14
N GLU A 208 -28.88 -6.09 -33.88
CA GLU A 208 -29.92 -7.03 -33.46
C GLU A 208 -29.45 -8.48 -33.45
N VAL A 209 -29.76 -9.16 -32.35
CA VAL A 209 -29.43 -10.56 -32.16
C VAL A 209 -30.64 -11.27 -31.55
N LYS A 210 -30.69 -12.59 -31.66
CA LYS A 210 -31.83 -13.34 -31.15
C LYS A 210 -31.40 -14.66 -30.51
N GLY A 211 -31.89 -14.93 -29.31
CA GLY A 211 -31.62 -16.20 -28.66
C GLY A 211 -31.49 -16.16 -27.15
N SER A 212 -31.59 -17.34 -26.54
CA SER A 212 -31.45 -17.50 -25.10
C SER A 212 -29.98 -17.56 -24.69
N PHE A 213 -29.71 -17.32 -23.42
CA PHE A 213 -28.37 -17.46 -22.87
C PHE A 213 -28.38 -17.75 -21.37
N VAL A 214 -27.35 -18.42 -20.90
CA VAL A 214 -27.17 -18.62 -19.46
C VAL A 214 -25.82 -18.05 -19.02
N ALA A 215 -25.87 -17.17 -18.02
CA ALA A 215 -24.69 -16.54 -17.49
C ALA A 215 -24.37 -17.13 -16.12
N SER A 216 -23.08 -17.30 -15.85
CA SER A 216 -22.64 -17.82 -14.56
C SER A 216 -21.57 -16.90 -13.95
N VAL A 217 -21.70 -16.66 -12.67
CA VAL A 217 -20.72 -15.88 -11.92
C VAL A 217 -20.29 -16.66 -10.68
N GLY A 218 -18.99 -16.81 -10.49
CA GLY A 218 -18.47 -17.44 -9.29
C GLY A 218 -17.47 -16.54 -8.61
N LEU A 219 -17.49 -16.53 -7.29
CA LEU A 219 -16.56 -15.74 -6.51
C LEU A 219 -15.85 -16.62 -5.49
N LEU A 220 -14.53 -16.59 -5.50
CA LEU A 220 -13.74 -17.41 -4.58
C LEU A 220 -13.67 -16.78 -3.19
N PHE A 221 -14.73 -17.00 -2.40
CA PHE A 221 -14.82 -16.44 -1.07
C PHE A 221 -15.97 -17.09 -0.32
N PRO A 222 -15.78 -17.37 0.98
CA PRO A 222 -16.81 -17.98 1.83
C PRO A 222 -18.12 -17.20 1.78
N PRO A 223 -19.23 -17.89 1.52
CA PRO A 223 -20.54 -17.26 1.35
C PRO A 223 -21.21 -17.02 2.70
N GLY A 224 -22.25 -16.19 2.70
CA GLY A 224 -23.15 -16.09 3.83
C GLY A 224 -22.56 -15.54 5.12
N ILE A 225 -21.59 -14.64 5.00
CA ILE A 225 -21.12 -13.88 6.16
C ILE A 225 -21.48 -12.42 5.95
N PRO A 226 -22.59 -11.96 6.55
CA PRO A 226 -23.15 -10.63 6.32
C PRO A 226 -22.11 -9.52 6.45
N GLY A 227 -22.01 -8.68 5.42
CA GLY A 227 -21.07 -7.57 5.43
C GLY A 227 -19.65 -7.96 5.06
N VAL A 228 -19.40 -9.26 4.91
CA VAL A 228 -18.07 -9.75 4.58
C VAL A 228 -18.06 -10.52 3.26
N SER A 229 -19.07 -11.37 3.05
CA SER A 229 -19.23 -12.10 1.80
C SER A 229 -19.79 -11.20 0.72
N PRO A 230 -19.40 -11.45 -0.55
CA PRO A 230 -19.87 -10.71 -1.73
C PRO A 230 -21.37 -10.87 -1.97
N LEU A 231 -21.99 -9.88 -2.59
CA LEU A 231 -23.39 -9.96 -2.98
C LEU A 231 -23.53 -9.75 -4.48
N ILE A 232 -24.52 -10.41 -5.08
CA ILE A 232 -24.75 -10.29 -6.52
C ILE A 232 -26.23 -10.04 -6.81
N HIS A 233 -26.50 -9.12 -7.73
CA HIS A 233 -27.87 -8.87 -8.16
C HIS A 233 -27.92 -8.15 -9.51
N SER A 234 -29.00 -8.36 -10.24
CA SER A 234 -29.18 -7.74 -11.55
C SER A 234 -29.71 -6.31 -11.44
N ASN A 235 -30.37 -6.03 -10.32
CA ASN A 235 -30.89 -4.69 -10.06
C ASN A 235 -30.04 -4.00 -9.00
N PRO A 236 -29.45 -2.85 -9.37
CA PRO A 236 -28.51 -2.13 -8.51
C PRO A 236 -29.17 -1.60 -7.23
N GLU A 237 -30.42 -1.14 -7.34
CA GLU A 237 -31.16 -0.67 -6.18
C GLU A 237 -31.31 -1.79 -5.16
N GLU A 238 -31.76 -2.95 -5.63
CA GLU A 238 -31.93 -4.12 -4.78
C GLU A 238 -30.60 -4.55 -4.16
N LEU A 239 -29.52 -4.52 -4.95
CA LEU A 239 -28.19 -4.85 -4.45
C LEU A 239 -27.78 -3.92 -3.31
N GLN A 240 -28.13 -2.65 -3.45
CA GLN A 240 -27.82 -1.66 -2.42
C GLN A 240 -28.56 -1.95 -1.12
N LYS A 241 -29.87 -2.18 -1.23
CA LYS A 241 -30.70 -2.51 -0.09
C LYS A 241 -30.09 -3.66 0.70
N GLN A 242 -29.69 -4.71 0.00
CA GLN A 242 -29.11 -5.89 0.62
C GLN A 242 -27.71 -5.63 1.19
N ALA A 243 -26.88 -4.91 0.44
CA ALA A 243 -25.54 -4.60 0.88
C ALA A 243 -25.55 -3.71 2.12
N ILE A 244 -26.52 -2.81 2.16
CA ILE A 244 -26.69 -1.94 3.32
C ILE A 244 -27.09 -2.75 4.54
N ALA A 245 -28.17 -3.52 4.41
CA ALA A 245 -28.66 -4.36 5.50
C ALA A 245 -27.57 -5.28 6.04
N ALA A 246 -26.78 -5.84 5.14
CA ALA A 246 -25.72 -6.78 5.51
C ALA A 246 -24.68 -6.12 6.41
N GLU A 247 -24.27 -4.90 6.07
CA GLU A 247 -23.29 -4.20 6.88
C GLU A 247 -23.89 -3.71 8.18
N GLU A 248 -25.19 -3.43 8.16
CA GLU A 248 -25.90 -3.05 9.38
C GLU A 248 -25.90 -4.22 10.35
N SER A 249 -26.22 -5.40 9.82
CA SER A 249 -26.17 -6.63 10.59
C SER A 249 -24.78 -6.84 11.19
N LEU A 250 -23.75 -6.57 10.39
CA LEU A 250 -22.37 -6.68 10.83
C LEU A 250 -22.07 -5.68 11.94
N LYS A 251 -22.47 -4.43 11.73
CA LYS A 251 -22.35 -3.38 12.74
C LYS A 251 -22.90 -3.87 14.06
N LYS A 252 -24.19 -4.20 14.01
CA LYS A 252 -24.96 -4.64 15.16
C LYS A 252 -24.30 -5.79 15.91
N ALA A 253 -24.12 -6.89 15.21
CA ALA A 253 -23.47 -8.04 15.75
C ALA A 253 -22.17 -7.65 16.42
N ALA A 254 -21.59 -6.52 16.03
CA ALA A 254 -20.32 -6.10 16.59
C ALA A 254 -20.53 -5.29 17.90
N SER A 255 -21.80 -5.08 18.30
CA SER A 255 -22.18 -4.59 19.62
C SER A 255 -23.19 -5.49 20.25
N ASP A 256 -24.09 -4.77 20.87
N GLY B 11 -10.64 -3.85 32.37
CA GLY B 11 -10.72 -3.85 30.91
C GLY B 11 -9.58 -4.61 30.26
N GLY B 12 -8.35 -4.34 30.71
CA GLY B 12 -7.18 -5.02 30.19
C GLY B 12 -6.77 -4.62 28.79
N LEU B 13 -6.39 -5.61 27.99
CA LEU B 13 -5.87 -5.38 26.66
C LEU B 13 -6.95 -4.97 25.68
N PRO B 14 -6.82 -3.78 25.09
CA PRO B 14 -7.79 -3.29 24.10
C PRO B 14 -7.81 -4.19 22.87
N SER B 15 -8.99 -4.38 22.28
CA SER B 15 -9.11 -5.18 21.08
C SER B 15 -8.24 -4.62 19.96
N LEU B 16 -7.74 -5.49 19.11
CA LEU B 16 -7.03 -5.06 17.93
C LEU B 16 -8.04 -5.19 16.80
N LYS B 17 -8.38 -4.06 16.18
CA LYS B 17 -9.36 -4.05 15.11
C LYS B 17 -8.75 -3.64 13.79
N SER B 18 -9.40 -3.99 12.69
CA SER B 18 -8.94 -3.60 11.36
C SER B 18 -9.08 -2.09 11.18
N SER B 19 -8.62 -1.61 10.03
CA SER B 19 -8.74 -0.18 9.71
C SER B 19 -10.00 0.10 8.88
N PHE B 20 -10.81 -0.92 8.64
CA PHE B 20 -12.08 -0.77 7.92
C PHE B 20 -13.14 -0.14 8.81
N VAL B 21 -13.65 1.01 8.40
CA VAL B 21 -14.71 1.70 9.13
C VAL B 21 -16.09 1.23 8.67
N LEU B 22 -16.88 0.75 9.62
CA LEU B 22 -18.24 0.29 9.35
C LEU B 22 -19.23 1.43 9.59
N SER B 23 -19.02 2.14 10.68
CA SER B 23 -19.93 3.19 11.12
C SER B 23 -19.17 4.44 11.50
N GLU B 24 -19.84 5.58 11.38
CA GLU B 24 -19.25 6.83 11.79
C GLU B 24 -20.33 7.83 12.17
N SER B 25 -20.06 8.59 13.22
CA SER B 25 -21.01 9.57 13.73
C SER B 25 -20.27 10.55 14.61
N THR B 26 -20.45 11.83 14.35
CA THR B 26 -19.79 12.83 15.18
C THR B 26 -20.74 13.33 16.25
N VAL B 27 -20.14 13.76 17.36
CA VAL B 27 -20.87 14.20 18.54
C VAL B 27 -21.01 15.71 18.51
N PRO B 28 -22.23 16.21 18.30
CA PRO B 28 -22.50 17.65 18.21
C PRO B 28 -22.02 18.43 19.43
N GLY B 29 -21.40 19.58 19.20
CA GLY B 29 -20.99 20.49 20.26
C GLY B 29 -19.77 20.04 21.06
N THR B 30 -19.16 18.94 20.66
CA THR B 30 -18.02 18.39 21.39
C THR B 30 -16.84 18.20 20.45
N ASN B 31 -15.71 17.78 20.99
CA ASN B 31 -14.50 17.68 20.17
C ASN B 31 -14.04 16.28 19.79
N GLU B 32 -14.85 15.26 20.06
CA GLU B 32 -14.46 13.94 19.57
C GLU B 32 -15.50 13.17 18.78
N THR B 33 -14.99 12.23 18.01
CA THR B 33 -15.72 11.48 17.01
C THR B 33 -15.72 10.03 17.42
N VAL B 34 -16.72 9.27 16.99
CA VAL B 34 -16.75 7.86 17.33
C VAL B 34 -17.03 6.96 16.13
N LYS B 35 -16.14 5.99 15.95
CA LYS B 35 -16.15 5.14 14.79
C LYS B 35 -16.24 3.68 15.19
N THR B 36 -16.95 2.91 14.38
CA THR B 36 -17.07 1.48 14.57
C THR B 36 -16.20 0.81 13.52
N PHE B 37 -15.25 0.00 13.98
CA PHE B 37 -14.34 -0.70 13.06
C PHE B 37 -14.69 -2.17 12.93
N LEU B 38 -14.55 -2.70 11.72
CA LEU B 38 -14.70 -4.13 11.49
C LEU B 38 -13.59 -4.86 12.23
N PRO B 39 -13.96 -5.81 13.10
CA PRO B 39 -12.95 -6.63 13.77
C PRO B 39 -12.28 -7.56 12.77
N TYR B 40 -11.10 -8.06 13.11
CA TYR B 40 -10.46 -9.06 12.28
C TYR B 40 -11.23 -10.36 12.45
N GLY B 41 -11.15 -11.24 11.45
CA GLY B 41 -11.80 -12.53 11.54
C GLY B 41 -11.21 -13.33 12.68
N SER B 42 -9.89 -13.25 12.82
CA SER B 42 -9.19 -13.94 13.89
C SER B 42 -8.15 -13.02 14.51
N VAL B 43 -8.07 -13.03 15.84
CA VAL B 43 -7.01 -12.30 16.54
C VAL B 43 -6.32 -13.24 17.52
N ILE B 44 -5.00 -13.21 17.53
CA ILE B 44 -4.23 -14.02 18.46
C ILE B 44 -3.33 -13.11 19.29
N ASN B 45 -3.29 -13.36 20.60
CA ASN B 45 -2.40 -12.62 21.48
C ASN B 45 -1.27 -13.52 21.97
N TYR B 46 -0.07 -12.96 22.06
CA TYR B 46 1.12 -13.72 22.41
C TYR B 46 1.86 -13.00 23.54
N TYR B 47 2.02 -13.69 24.67
CA TYR B 47 2.70 -13.11 25.81
C TYR B 47 4.12 -13.64 25.94
N GLY B 48 5.09 -12.73 25.88
CA GLY B 48 6.48 -13.10 25.92
C GLY B 48 7.25 -12.33 26.99
N TYR B 49 8.50 -12.73 27.21
CA TYR B 49 9.35 -12.08 28.20
C TYR B 49 10.82 -12.16 27.82
N VAL B 50 11.46 -11.02 27.66
CA VAL B 50 12.85 -10.96 27.25
C VAL B 50 13.77 -10.86 28.46
N LYS B 51 14.52 -11.92 28.69
CA LYS B 51 15.40 -12.03 29.85
C LYS B 51 16.85 -11.97 29.37
N PRO B 52 17.62 -11.02 29.91
CA PRO B 52 19.03 -10.93 29.52
C PRO B 52 19.74 -12.27 29.76
N GLY B 53 20.52 -12.70 28.78
CA GLY B 53 21.21 -13.98 28.90
C GLY B 53 20.33 -15.16 28.55
N GLN B 54 19.20 -14.89 27.90
CA GLN B 54 18.35 -15.96 27.39
C GLN B 54 18.18 -15.88 25.88
N ALA B 55 18.37 -17.01 25.21
CA ALA B 55 18.38 -17.06 23.75
C ALA B 55 17.03 -16.67 23.18
N PRO B 56 17.03 -15.81 22.16
CA PRO B 56 15.79 -15.44 21.47
C PRO B 56 15.45 -16.50 20.42
N ASP B 57 14.44 -16.25 19.60
CA ASP B 57 14.17 -17.13 18.47
C ASP B 57 15.22 -16.90 17.39
N GLY B 58 15.74 -15.67 17.35
CA GLY B 58 16.73 -15.27 16.36
C GLY B 58 17.14 -13.82 16.51
N LEU B 59 17.82 -13.29 15.51
CA LEU B 59 18.27 -11.91 15.53
C LEU B 59 17.79 -11.14 14.31
N VAL B 60 17.49 -9.87 14.52
CA VAL B 60 17.13 -8.98 13.42
C VAL B 60 18.30 -8.04 13.14
N ASP B 61 18.69 -7.95 11.87
CA ASP B 61 19.82 -7.11 11.48
C ASP B 61 21.10 -7.49 12.23
N GLY B 62 21.14 -8.72 12.73
CA GLY B 62 22.34 -9.25 13.36
C GLY B 62 22.53 -8.95 14.84
N ASN B 63 21.77 -8.01 15.40
CA ASN B 63 22.00 -7.62 16.79
C ASN B 63 20.75 -7.30 17.64
N LYS B 64 19.56 -7.49 17.07
CA LYS B 64 18.33 -7.28 17.82
C LYS B 64 17.67 -8.61 18.15
N LYS B 65 17.42 -8.86 19.43
CA LYS B 65 16.71 -10.07 19.83
C LYS B 65 15.31 -10.09 19.20
N ALA B 66 14.92 -11.25 18.68
CA ALA B 66 13.65 -11.37 17.98
C ALA B 66 12.88 -12.63 18.37
N TYR B 67 11.56 -12.53 18.37
CA TYR B 67 10.70 -13.67 18.61
C TYR B 67 9.70 -13.78 17.47
N TYR B 68 9.49 -14.98 16.98
CA TYR B 68 8.71 -15.17 15.75
C TYR B 68 7.30 -15.71 15.96
N LEU B 69 6.40 -15.22 15.12
CA LEU B 69 5.13 -15.89 14.88
C LEU B 69 5.07 -16.16 13.38
N TYR B 70 4.61 -17.35 13.01
CA TYR B 70 4.47 -17.67 11.59
C TYR B 70 3.00 -17.70 11.18
N VAL B 71 2.72 -17.15 10.02
CA VAL B 71 1.37 -17.08 9.50
C VAL B 71 1.29 -17.76 8.14
N TRP B 72 0.51 -18.83 8.05
CA TRP B 72 0.23 -19.45 6.77
C TRP B 72 -1.08 -18.92 6.22
N ILE B 73 -1.02 -18.38 5.01
CA ILE B 73 -2.19 -17.83 4.35
C ILE B 73 -2.50 -18.66 3.11
N PRO B 74 -3.62 -19.37 3.13
CA PRO B 74 -4.04 -20.21 1.99
C PRO B 74 -4.44 -19.40 0.76
N ALA B 75 -5.06 -18.24 0.96
CA ALA B 75 -5.53 -17.42 -0.15
C ALA B 75 -5.63 -15.95 0.24
N VAL B 76 -5.47 -15.08 -0.75
CA VAL B 76 -5.34 -13.65 -0.49
C VAL B 76 -6.19 -13.12 0.67
N ILE B 77 -5.61 -12.18 1.40
CA ILE B 77 -6.26 -11.55 2.54
C ILE B 77 -6.14 -10.03 2.42
N ALA B 78 -7.18 -9.33 2.87
CA ALA B 78 -7.27 -7.88 2.69
C ALA B 78 -6.28 -7.11 3.55
N GLU B 79 -6.17 -7.50 4.82
CA GLU B 79 -5.36 -6.75 5.76
C GLU B 79 -4.83 -7.63 6.89
N MSE B 80 -3.62 -7.34 7.34
CA MSE B 80 -3.08 -7.95 8.55
C MSE B 80 -2.68 -6.86 9.53
O MSE B 80 -2.04 -5.88 9.16
CB MSE B 80 -1.88 -8.85 8.25
CG MSE B 80 -1.31 -9.50 9.52
SE MSE B 80 0.36 -10.47 9.32
CE MSE B 80 -0.14 -11.70 7.89
N GLY B 81 -3.05 -7.06 10.80
CA GLY B 81 -2.72 -6.10 11.83
C GLY B 81 -1.78 -6.70 12.84
N VAL B 82 -0.71 -5.98 13.15
CA VAL B 82 0.27 -6.46 14.12
C VAL B 82 0.57 -5.38 15.15
N ARG B 83 0.54 -5.78 16.42
CA ARG B 83 0.75 -4.84 17.50
C ARG B 83 1.67 -5.44 18.55
N MSE B 84 2.38 -4.58 19.28
CA MSE B 84 3.31 -5.03 20.30
C MSE B 84 3.45 -3.99 21.39
O MSE B 84 3.76 -2.82 21.13
CB MSE B 84 4.67 -5.34 19.67
CG MSE B 84 5.58 -6.18 20.55
SE MSE B 84 7.40 -6.38 19.81
CE MSE B 84 8.20 -7.32 21.32
N ILE B 85 3.21 -4.41 22.63
CA ILE B 85 3.26 -3.50 23.76
C ILE B 85 4.16 -4.03 24.86
N SER B 86 4.86 -3.13 25.54
CA SER B 86 5.69 -3.48 26.68
C SER B 86 5.59 -2.37 27.72
N PRO B 87 5.44 -2.73 29.01
CA PRO B 87 5.30 -4.08 29.56
C PRO B 87 3.82 -4.47 29.64
N THR B 88 3.53 -5.59 30.30
CA THR B 88 2.19 -6.14 30.33
C THR B 88 1.56 -6.06 31.71
N GLY B 89 2.39 -6.05 32.74
CA GLY B 89 1.92 -6.15 34.11
C GLY B 89 0.67 -5.34 34.39
N GLU B 90 0.76 -4.04 34.10
CA GLU B 90 -0.31 -3.10 34.41
C GLU B 90 -1.54 -3.29 33.51
N ILE B 91 -1.42 -4.09 32.47
CA ILE B 91 -2.52 -4.30 31.54
C ILE B 91 -3.35 -5.53 31.91
N GLY B 92 -2.69 -6.65 32.13
CA GLY B 92 -3.37 -7.87 32.52
C GLY B 92 -2.58 -9.13 32.22
N GLU B 93 -3.16 -10.27 32.58
CA GLU B 93 -2.52 -11.56 32.34
C GLU B 93 -3.15 -12.25 31.15
N PRO B 94 -2.44 -13.23 30.58
CA PRO B 94 -3.00 -14.00 29.46
C PRO B 94 -4.31 -14.66 29.87
N GLY B 95 -5.23 -14.81 28.93
CA GLY B 95 -6.46 -15.53 29.17
C GLY B 95 -6.49 -16.78 28.33
N ASP B 96 -7.67 -17.39 28.22
CA ASP B 96 -7.84 -18.59 27.42
C ASP B 96 -7.63 -18.28 25.94
N GLY B 97 -6.89 -19.14 25.26
CA GLY B 97 -6.66 -18.98 23.84
C GLY B 97 -5.47 -18.11 23.51
N ASP B 98 -4.86 -17.51 24.52
CA ASP B 98 -3.65 -16.70 24.30
C ASP B 98 -2.40 -17.58 24.29
N LEU B 99 -1.44 -17.22 23.45
CA LEU B 99 -0.15 -17.89 23.44
C LEU B 99 0.71 -17.31 24.54
N VAL B 100 1.41 -18.18 25.27
CA VAL B 100 2.25 -17.76 26.39
C VAL B 100 3.59 -18.49 26.37
N SER B 101 4.67 -17.73 26.27
CA SER B 101 6.00 -18.32 26.24
C SER B 101 6.38 -18.87 27.61
N ASP B 102 7.34 -19.79 27.63
CA ASP B 102 7.83 -20.36 28.87
C ASP B 102 8.46 -19.28 29.75
N ALA B 103 9.22 -18.39 29.13
CA ALA B 103 9.86 -17.30 29.87
C ALA B 103 8.82 -16.41 30.55
N PHE B 104 7.70 -16.18 29.88
CA PHE B 104 6.64 -15.36 30.47
C PHE B 104 6.02 -16.05 31.68
N LYS B 105 5.74 -17.34 31.56
CA LYS B 105 5.19 -18.13 32.66
C LYS B 105 6.08 -18.09 33.90
N ALA B 106 7.39 -18.11 33.68
CA ALA B 106 8.36 -18.13 34.78
C ALA B 106 8.49 -16.76 35.46
N ALA B 107 8.17 -15.70 34.73
CA ALA B 107 8.39 -14.35 35.23
C ALA B 107 7.42 -13.97 36.35
N THR B 108 7.91 -13.18 37.31
CA THR B 108 7.09 -12.77 38.43
C THR B 108 6.31 -11.51 38.08
N PRO B 109 5.23 -11.23 38.82
CA PRO B 109 4.45 -10.01 38.60
C PRO B 109 5.33 -8.78 38.60
N GLU B 110 6.34 -8.79 39.47
CA GLU B 110 7.25 -7.66 39.59
C GLU B 110 8.09 -7.50 38.32
N GLU B 111 8.59 -8.62 37.80
CA GLU B 111 9.37 -8.60 36.57
C GLU B 111 8.54 -8.13 35.36
N LYS B 112 7.22 -8.33 35.44
CA LYS B 112 6.35 -8.06 34.31
C LYS B 112 5.79 -6.63 34.32
N SER B 113 6.19 -5.85 35.31
CA SER B 113 5.66 -4.50 35.47
C SER B 113 6.76 -3.44 35.40
N MSE B 114 6.35 -2.17 35.33
CA MSE B 114 7.31 -1.08 35.42
C MSE B 114 8.11 -1.25 36.70
O MSE B 114 7.58 -1.72 37.71
CB MSE B 114 6.59 0.27 35.42
CG MSE B 114 5.93 0.61 34.09
SE MSE B 114 7.20 0.83 32.61
CE MSE B 114 7.99 2.54 33.12
N PRO B 115 9.40 -0.87 36.68
CA PRO B 115 10.08 -0.12 35.61
C PRO B 115 10.70 -1.00 34.54
N HIS B 116 10.32 -2.27 34.47
CA HIS B 116 10.92 -3.16 33.48
C HIS B 116 10.13 -3.19 32.18
N TRP B 117 10.78 -2.73 31.11
CA TRP B 117 10.15 -2.67 29.80
C TRP B 117 11.19 -2.32 28.75
N PHE B 118 10.79 -2.40 27.49
CA PHE B 118 11.67 -2.01 26.41
C PHE B 118 10.91 -1.41 25.22
N ASP B 119 11.66 -0.72 24.38
CA ASP B 119 11.14 -0.04 23.20
C ASP B 119 10.89 -1.07 22.09
N THR B 120 9.62 -1.33 21.79
CA THR B 120 9.25 -2.43 20.90
C THR B 120 9.53 -2.15 19.43
N TRP B 121 9.58 -3.19 18.62
CA TRP B 121 9.78 -3.04 17.19
C TRP B 121 9.20 -4.25 16.48
N ILE B 122 8.49 -4.01 15.38
CA ILE B 122 7.89 -5.10 14.62
C ILE B 122 8.36 -5.12 13.18
N ARG B 123 8.64 -6.32 12.68
CA ARG B 123 8.97 -6.51 11.27
C ARG B 123 8.17 -7.66 10.69
N VAL B 124 7.67 -7.48 9.47
CA VAL B 124 6.93 -8.52 8.78
C VAL B 124 7.64 -8.89 7.48
N GLU B 125 7.85 -10.19 7.27
CA GLU B 125 8.55 -10.67 6.09
C GLU B 125 7.82 -11.80 5.39
N ARG B 126 7.87 -11.81 4.05
CA ARG B 126 7.36 -12.92 3.28
C ARG B 126 8.42 -14.01 3.16
N MSE B 127 8.05 -15.25 3.50
CA MSE B 127 8.97 -16.37 3.38
C MSE B 127 8.77 -17.07 2.05
O MSE B 127 7.89 -16.69 1.26
CB MSE B 127 8.79 -17.35 4.54
CG MSE B 127 8.86 -16.70 5.91
SE MSE B 127 10.51 -15.69 6.20
CE MSE B 127 11.69 -17.17 6.70
N SER B 128 9.55 -18.10 1.79
CA SER B 128 9.57 -18.74 0.47
C SER B 128 8.47 -19.78 0.24
N ALA B 129 7.92 -20.33 1.32
CA ALA B 129 6.93 -21.40 1.20
C ALA B 129 5.68 -20.97 0.44
N ILE B 130 5.20 -21.83 -0.46
CA ILE B 130 3.94 -21.62 -1.16
C ILE B 130 3.05 -22.85 -1.11
N MSE B 131 3.52 -23.88 -0.40
CA MSE B 131 2.69 -25.03 -0.10
C MSE B 131 2.93 -25.40 1.36
O MSE B 131 4.03 -25.20 1.88
CB MSE B 131 2.99 -26.21 -1.04
CG MSE B 131 2.78 -25.90 -2.51
SE MSE B 131 0.91 -25.92 -3.13
CE MSE B 131 0.62 -27.84 -3.22
N PRO B 132 1.90 -25.91 2.05
CA PRO B 132 1.96 -26.23 3.47
C PRO B 132 3.17 -27.07 3.89
N ASP B 133 3.58 -28.04 3.07
CA ASP B 133 4.67 -28.92 3.50
C ASP B 133 6.06 -28.36 3.16
N GLN B 134 6.09 -27.08 2.79
CA GLN B 134 7.36 -26.38 2.59
C GLN B 134 7.59 -25.38 3.72
N ILE B 135 6.69 -25.39 4.69
CA ILE B 135 6.73 -24.40 5.77
C ILE B 135 7.96 -24.54 6.67
N ALA B 136 8.18 -25.72 7.24
CA ALA B 136 9.33 -25.93 8.13
C ALA B 136 10.62 -25.59 7.40
N LYS B 137 10.63 -25.90 6.11
CA LYS B 137 11.79 -25.65 5.26
C LYS B 137 12.03 -24.16 5.05
N ALA B 138 10.99 -23.43 4.65
CA ALA B 138 11.10 -22.00 4.39
C ALA B 138 11.45 -21.20 5.64
N ALA B 139 11.03 -21.69 6.81
CA ALA B 139 11.34 -21.04 8.07
C ALA B 139 12.84 -21.01 8.33
N LYS B 140 13.54 -22.07 7.94
CA LYS B 140 14.98 -22.16 8.10
C LYS B 140 15.72 -21.35 7.04
N ALA B 141 15.02 -21.02 5.96
CA ALA B 141 15.63 -20.28 4.86
C ALA B 141 15.54 -18.78 5.09
N LYS B 142 16.28 -18.02 4.30
CA LYS B 142 16.28 -16.58 4.41
C LYS B 142 14.95 -15.99 3.93
N PRO B 143 14.54 -14.86 4.50
CA PRO B 143 13.36 -14.14 4.04
C PRO B 143 13.45 -13.90 2.54
N VAL B 144 12.31 -13.56 1.93
CA VAL B 144 12.24 -13.36 0.50
C VAL B 144 11.98 -11.89 0.21
N GLN B 145 11.17 -11.27 1.06
CA GLN B 145 10.87 -9.86 0.93
C GLN B 145 10.47 -9.31 2.29
N LYS B 146 10.86 -8.08 2.57
CA LYS B 146 10.41 -7.40 3.78
C LYS B 146 9.20 -6.53 3.45
N LEU B 147 8.10 -6.78 4.13
CA LEU B 147 6.86 -6.06 3.85
C LEU B 147 6.75 -4.76 4.62
N ASP B 148 7.17 -4.77 5.88
CA ASP B 148 7.10 -3.57 6.69
C ASP B 148 7.91 -3.63 7.99
N ASP B 149 8.14 -2.46 8.55
CA ASP B 149 8.77 -2.29 9.84
C ASP B 149 7.93 -1.23 10.53
N ASP B 150 7.69 -1.40 11.83
CA ASP B 150 7.16 -0.29 12.59
C ASP B 150 7.84 -0.15 13.94
N ASP B 151 8.09 1.10 14.31
CA ASP B 151 8.71 1.41 15.57
C ASP B 151 7.64 1.85 16.57
N ASP B 152 7.18 3.09 16.46
CA ASP B 152 6.28 3.68 17.46
C ASP B 152 4.86 3.96 16.94
N GLY B 153 4.26 3.00 16.24
CA GLY B 153 2.99 3.23 15.60
C GLY B 153 1.70 3.05 16.40
N ASP B 154 1.76 2.41 17.55
CA ASP B 154 0.53 2.05 18.26
C ASP B 154 -0.30 3.23 18.75
N ASP B 155 -1.60 3.15 18.49
CA ASP B 155 -2.55 4.16 18.95
C ASP B 155 -3.79 3.48 19.50
N THR B 156 -3.73 2.17 19.70
CA THR B 156 -4.84 1.43 20.26
C THR B 156 -4.79 1.41 21.79
N TYR B 157 -3.59 1.36 22.36
CA TYR B 157 -3.48 1.36 23.82
C TYR B 157 -2.99 2.72 24.32
N LYS B 158 -3.72 3.31 25.26
CA LYS B 158 -3.32 4.59 25.81
C LYS B 158 -2.14 4.40 26.76
N GLU B 159 -0.93 4.61 26.23
CA GLU B 159 0.28 4.39 27.00
C GLU B 159 0.63 5.59 27.86
N GLU B 160 0.66 5.39 29.18
CA GLU B 160 0.98 6.48 30.09
C GLU B 160 2.05 6.11 31.10
N ARG B 161 2.56 4.88 31.01
CA ARG B 161 3.60 4.41 31.91
C ARG B 161 4.98 4.88 31.46
N HIS B 162 5.09 5.23 30.18
CA HIS B 162 6.35 5.68 29.59
C HIS B 162 6.06 6.31 28.23
N ASN B 163 7.10 6.74 27.55
CA ASN B 163 6.94 7.31 26.21
C ASN B 163 6.20 6.35 25.30
N LYS B 164 5.44 6.90 24.35
CA LYS B 164 4.62 6.08 23.46
C LYS B 164 5.47 5.38 22.40
N TYR B 165 6.13 4.30 22.81
CA TYR B 165 7.02 3.59 21.90
C TYR B 165 6.45 2.26 21.43
N ASN B 166 5.20 1.98 21.74
CA ASN B 166 4.62 0.69 21.35
C ASN B 166 4.39 0.60 19.84
N SER B 167 4.47 -0.62 19.31
CA SER B 167 4.43 -0.82 17.86
C SER B 167 3.06 -1.22 17.32
N LEU B 168 2.74 -0.71 16.15
CA LEU B 168 1.52 -1.09 15.44
C LEU B 168 1.71 -0.93 13.94
N THR B 169 1.46 -1.99 13.20
CA THR B 169 1.49 -1.91 11.75
C THR B 169 0.32 -2.64 11.11
N ARG B 170 -0.26 -2.01 10.09
CA ARG B 170 -1.33 -2.63 9.34
C ARG B 170 -0.90 -2.74 7.88
N ILE B 171 -0.82 -3.97 7.39
CA ILE B 171 -0.45 -4.21 6.01
C ILE B 171 -1.70 -4.44 5.20
N LYS B 172 -1.98 -3.55 4.26
CA LYS B 172 -3.22 -3.64 3.50
C LYS B 172 -3.18 -3.09 2.09
N ILE B 173 -4.34 -3.18 1.45
CA ILE B 173 -4.58 -2.66 0.12
C ILE B 173 -5.41 -1.39 0.27
N PRO B 174 -5.06 -0.34 -0.48
CA PRO B 174 -5.80 0.94 -0.46
C PRO B 174 -7.31 0.74 -0.60
N THR B 188 2.86 -3.36 -4.83
CA THR B 188 1.86 -4.31 -4.39
C THR B 188 2.47 -5.46 -3.60
N LYS B 189 3.72 -5.29 -3.19
CA LYS B 189 4.40 -6.28 -2.39
C LYS B 189 3.56 -6.61 -1.16
N LYS B 190 2.85 -5.61 -0.66
CA LYS B 190 2.16 -5.79 0.60
C LYS B 190 0.74 -6.31 0.45
N LEU B 191 0.52 -7.16 -0.54
CA LEU B 191 -0.72 -7.89 -0.67
C LEU B 191 -0.46 -9.29 -0.12
N LEU B 192 -1.27 -9.72 0.84
CA LEU B 192 -1.05 -11.00 1.49
C LEU B 192 -1.65 -12.14 0.70
N VAL B 193 -0.97 -12.49 -0.39
CA VAL B 193 -1.39 -13.62 -1.22
C VAL B 193 -0.97 -14.92 -0.55
N ARG B 194 -1.37 -16.05 -1.12
CA ARG B 194 -1.00 -17.35 -0.58
C ARG B 194 0.48 -17.40 -0.22
N GLY B 195 0.80 -17.96 0.94
CA GLY B 195 2.18 -18.11 1.35
C GLY B 195 2.45 -18.03 2.84
N LEU B 196 3.72 -18.18 3.19
CA LEU B 196 4.16 -18.14 4.58
C LEU B 196 4.74 -16.77 4.92
N TYR B 197 4.34 -16.25 6.08
CA TYR B 197 4.83 -14.97 6.53
C TYR B 197 5.43 -15.12 7.91
N ARG B 198 6.52 -14.39 8.16
CA ARG B 198 7.12 -14.40 9.47
C ARG B 198 7.04 -13.02 10.09
N ILE B 199 6.50 -12.96 11.29
CA ILE B 199 6.42 -11.73 12.04
C ILE B 199 7.52 -11.74 13.09
N SER B 200 8.34 -10.70 13.10
CA SER B 200 9.41 -10.60 14.07
C SER B 200 9.04 -9.59 15.14
N PHE B 201 8.90 -10.08 16.36
CA PHE B 201 8.70 -9.21 17.50
C PHE B 201 10.05 -8.95 18.13
N THR B 202 10.48 -7.70 18.04
CA THR B 202 11.87 -7.37 18.34
C THR B 202 11.94 -6.04 19.08
N THR B 203 13.09 -5.39 19.02
CA THR B 203 13.36 -4.22 19.84
C THR B 203 13.96 -3.08 19.02
N TYR B 204 13.69 -1.85 19.44
CA TYR B 204 14.33 -0.70 18.83
C TYR B 204 15.82 -0.73 19.12
N LYS B 205 16.17 -1.04 20.36
CA LYS B 205 17.55 -1.02 20.82
C LYS B 205 18.29 -2.31 20.52
N PRO B 206 19.52 -2.20 19.98
CA PRO B 206 20.35 -3.38 19.77
C PRO B 206 20.86 -3.91 21.11
N GLY B 207 21.20 -5.20 21.16
CA GLY B 207 21.79 -5.77 22.35
C GLY B 207 20.79 -6.16 23.42
N GLU B 208 21.27 -6.21 24.66
CA GLU B 208 20.48 -6.74 25.77
C GLU B 208 19.35 -5.82 26.19
N VAL B 209 18.19 -6.42 26.41
CA VAL B 209 16.99 -5.71 26.83
C VAL B 209 16.26 -6.57 27.86
N LYS B 210 15.41 -5.96 28.67
CA LYS B 210 14.68 -6.70 29.69
C LYS B 210 13.23 -6.26 29.80
N GLY B 211 12.30 -7.21 29.76
CA GLY B 211 10.91 -6.89 29.99
C GLY B 211 9.89 -7.81 29.34
N SER B 212 8.65 -7.69 29.79
CA SER B 212 7.54 -8.46 29.25
C SER B 212 6.95 -7.73 28.05
N PHE B 213 6.23 -8.46 27.21
CA PHE B 213 5.54 -7.86 26.09
C PHE B 213 4.33 -8.68 25.67
N VAL B 214 3.34 -8.01 25.09
CA VAL B 214 2.20 -8.71 24.51
C VAL B 214 2.05 -8.36 23.04
N ALA B 215 2.06 -9.38 22.20
CA ALA B 215 1.91 -9.21 20.76
C ALA B 215 0.49 -9.54 20.34
N SER B 216 -0.02 -8.83 19.34
CA SER B 216 -1.33 -9.13 18.79
C SER B 216 -1.29 -9.22 17.26
N VAL B 217 -1.90 -10.27 16.73
CA VAL B 217 -2.00 -10.44 15.29
C VAL B 217 -3.46 -10.58 14.88
N GLY B 218 -3.88 -9.77 13.92
CA GLY B 218 -5.23 -9.86 13.38
C GLY B 218 -5.21 -10.05 11.88
N LEU B 219 -6.08 -10.93 11.39
CA LEU B 219 -6.20 -11.19 9.97
C LEU B 219 -7.64 -10.98 9.52
N LEU B 220 -7.83 -10.14 8.50
CA LEU B 220 -9.16 -9.83 8.00
C LEU B 220 -9.66 -10.94 7.08
N PHE B 221 -10.09 -12.05 7.67
CA PHE B 221 -10.58 -13.19 6.91
C PHE B 221 -11.37 -14.14 7.80
N PRO B 222 -12.47 -14.69 7.27
CA PRO B 222 -13.31 -15.62 8.04
C PRO B 222 -12.51 -16.78 8.61
N PRO B 223 -12.62 -17.02 9.92
CA PRO B 223 -11.86 -18.04 10.63
C PRO B 223 -12.50 -19.42 10.48
N GLY B 224 -11.71 -20.46 10.74
CA GLY B 224 -12.24 -21.80 10.89
C GLY B 224 -12.79 -22.48 9.65
N ILE B 225 -12.23 -22.15 8.49
CA ILE B 225 -12.56 -22.89 7.28
C ILE B 225 -11.30 -23.62 6.82
N PRO B 226 -11.20 -24.92 7.17
CA PRO B 226 -9.99 -25.71 6.97
C PRO B 226 -9.46 -25.61 5.55
N GLY B 227 -8.20 -25.20 5.40
CA GLY B 227 -7.57 -25.12 4.10
C GLY B 227 -7.83 -23.81 3.38
N VAL B 228 -8.66 -22.97 3.97
CA VAL B 228 -9.04 -21.69 3.37
C VAL B 228 -8.67 -20.55 4.31
N SER B 229 -8.96 -20.74 5.60
CA SER B 229 -8.65 -19.74 6.61
C SER B 229 -7.17 -19.79 7.00
N PRO B 230 -6.62 -18.64 7.40
CA PRO B 230 -5.21 -18.54 7.80
C PRO B 230 -4.92 -19.30 9.09
N LEU B 231 -3.69 -19.76 9.25
CA LEU B 231 -3.24 -20.40 10.47
C LEU B 231 -2.03 -19.66 11.05
N ILE B 232 -1.94 -19.62 12.37
CA ILE B 232 -0.84 -18.93 13.04
C ILE B 232 -0.20 -19.84 14.09
N HIS B 233 1.12 -19.80 14.19
CA HIS B 233 1.84 -20.55 15.22
C HIS B 233 3.28 -20.08 15.38
N SER B 234 3.78 -20.14 16.61
CA SER B 234 5.15 -19.70 16.90
C SER B 234 6.17 -20.76 16.46
N ASN B 235 5.72 -22.01 16.36
CA ASN B 235 6.58 -23.11 15.92
C ASN B 235 6.25 -23.54 14.49
N PRO B 236 7.21 -23.39 13.58
CA PRO B 236 7.00 -23.63 12.14
C PRO B 236 6.62 -25.08 11.84
N GLU B 237 7.22 -26.02 12.57
CA GLU B 237 6.92 -27.43 12.39
C GLU B 237 5.48 -27.73 12.74
N GLU B 238 5.03 -27.17 13.86
CA GLU B 238 3.64 -27.33 14.28
C GLU B 238 2.72 -26.70 13.24
N LEU B 239 3.08 -25.50 12.79
CA LEU B 239 2.26 -24.79 11.80
C LEU B 239 2.10 -25.64 10.54
N GLN B 240 3.18 -26.28 10.13
CA GLN B 240 3.15 -27.14 8.96
C GLN B 240 2.21 -28.35 9.16
N LYS B 241 2.36 -29.02 10.30
CA LYS B 241 1.47 -30.13 10.63
C LYS B 241 0.01 -29.71 10.46
N GLN B 242 -0.35 -28.58 11.06
CA GLN B 242 -1.73 -28.11 11.00
C GLN B 242 -2.14 -27.69 9.59
N ALA B 243 -1.26 -26.97 8.90
CA ALA B 243 -1.56 -26.48 7.57
C ALA B 243 -1.77 -27.64 6.60
N ILE B 244 -1.00 -28.69 6.79
CA ILE B 244 -1.11 -29.89 5.97
C ILE B 244 -2.43 -30.62 6.23
N ALA B 245 -2.73 -30.86 7.50
CA ALA B 245 -3.97 -31.51 7.87
C ALA B 245 -5.17 -30.73 7.35
N ALA B 246 -5.11 -29.40 7.47
CA ALA B 246 -6.21 -28.54 7.04
C ALA B 246 -6.51 -28.67 5.55
N GLU B 247 -5.46 -28.74 4.73
CA GLU B 247 -5.66 -28.91 3.29
C GLU B 247 -6.08 -30.33 2.95
N GLU B 248 -5.66 -31.27 3.78
CA GLU B 248 -6.08 -32.66 3.62
C GLU B 248 -7.58 -32.74 3.84
N SER B 249 -8.05 -32.03 4.86
CA SER B 249 -9.46 -31.96 5.18
C SER B 249 -10.24 -31.33 4.03
N LEU B 250 -9.64 -30.29 3.43
CA LEU B 250 -10.26 -29.60 2.31
C LEU B 250 -10.31 -30.48 1.07
N LYS B 251 -9.23 -31.22 0.84
CA LYS B 251 -9.20 -32.23 -0.21
C LYS B 251 -10.37 -33.18 -0.03
N LYS B 252 -10.40 -33.84 1.12
CA LYS B 252 -11.40 -34.84 1.44
C LYS B 252 -12.82 -34.32 1.17
N ALA B 253 -13.11 -33.12 1.68
CA ALA B 253 -14.43 -32.53 1.52
C ALA B 253 -14.78 -32.29 0.05
N ALA B 254 -13.76 -32.05 -0.76
CA ALA B 254 -13.98 -31.74 -2.17
C ALA B 254 -14.09 -33.00 -3.04
N SER B 255 -13.96 -34.16 -2.42
CA SER B 255 -14.12 -35.43 -3.13
C SER B 255 -15.03 -36.38 -2.35
N ASP B 256 -14.65 -37.52 -2.03
N GLY C 12 4.70 -47.31 -13.22
CA GLY C 12 5.82 -46.58 -12.66
C GLY C 12 5.82 -45.10 -12.97
N LEU C 13 6.81 -44.67 -13.73
CA LEU C 13 6.93 -43.26 -14.01
C LEU C 13 5.75 -42.80 -14.82
N PRO C 14 5.17 -41.69 -14.38
CA PRO C 14 4.11 -41.01 -15.14
C PRO C 14 4.69 -40.29 -16.35
N SER C 15 3.94 -40.27 -17.44
CA SER C 15 4.39 -39.60 -18.65
C SER C 15 4.59 -38.10 -18.39
N LEU C 16 5.58 -37.53 -19.05
CA LEU C 16 5.78 -36.08 -19.02
C LEU C 16 5.08 -35.50 -20.24
N LYS C 17 4.00 -34.75 -20.01
CA LYS C 17 3.24 -34.18 -21.12
C LYS C 17 3.39 -32.67 -21.17
N SER C 18 3.07 -32.11 -22.34
CA SER C 18 3.10 -30.66 -22.51
C SER C 18 1.94 -30.02 -21.77
N SER C 19 1.92 -28.69 -21.74
CA SER C 19 0.84 -27.96 -21.09
C SER C 19 -0.25 -27.61 -22.09
N PHE C 20 -0.14 -28.16 -23.29
CA PHE C 20 -1.12 -27.86 -24.33
C PHE C 20 -2.35 -28.76 -24.22
N VAL C 21 -3.50 -28.15 -23.97
CA VAL C 21 -4.74 -28.91 -23.76
C VAL C 21 -5.45 -29.20 -25.07
N LEU C 22 -5.65 -30.48 -25.36
CA LEU C 22 -6.33 -30.91 -26.58
C LEU C 22 -7.82 -31.05 -26.33
N SER C 23 -8.16 -31.60 -25.17
CA SER C 23 -9.54 -31.92 -24.84
C SER C 23 -9.83 -31.64 -23.38
N GLU C 24 -11.08 -31.30 -23.08
CA GLU C 24 -11.49 -31.00 -21.72
C GLU C 24 -12.96 -31.36 -21.53
N SER C 25 -13.28 -31.95 -20.40
CA SER C 25 -14.65 -32.32 -20.09
C SER C 25 -14.82 -32.45 -18.58
N THR C 26 -15.82 -31.79 -18.04
CA THR C 26 -16.08 -31.86 -16.61
C THR C 26 -16.96 -33.06 -16.28
N VAL C 27 -16.81 -33.55 -15.06
CA VAL C 27 -17.55 -34.71 -14.59
C VAL C 27 -18.72 -34.23 -13.74
N PRO C 28 -19.96 -34.40 -14.25
CA PRO C 28 -21.14 -33.92 -13.54
C PRO C 28 -21.25 -34.46 -12.11
N GLY C 29 -21.72 -33.62 -11.19
CA GLY C 29 -21.90 -34.04 -9.80
C GLY C 29 -20.60 -34.19 -9.02
N THR C 30 -19.50 -33.68 -9.58
CA THR C 30 -18.21 -33.72 -8.89
C THR C 30 -17.46 -32.41 -9.08
N ASN C 31 -16.29 -32.30 -8.45
CA ASN C 31 -15.43 -31.14 -8.63
C ASN C 31 -14.31 -31.41 -9.63
N GLU C 32 -14.46 -32.50 -10.37
CA GLU C 32 -13.40 -32.96 -11.25
C GLU C 32 -13.61 -32.57 -12.71
N THR C 33 -12.52 -32.49 -13.44
CA THR C 33 -12.56 -32.32 -14.89
C THR C 33 -11.40 -33.09 -15.53
N VAL C 34 -11.71 -33.77 -16.62
CA VAL C 34 -10.74 -34.62 -17.30
C VAL C 34 -10.09 -33.83 -18.42
N LYS C 35 -8.77 -33.80 -18.43
CA LYS C 35 -8.05 -33.09 -19.47
C LYS C 35 -7.10 -34.00 -20.24
N THR C 36 -7.11 -33.85 -21.56
CA THR C 36 -6.20 -34.57 -22.44
C THR C 36 -5.12 -33.61 -22.92
N PHE C 37 -3.87 -33.93 -22.63
CA PHE C 37 -2.74 -33.08 -23.01
C PHE C 37 -2.00 -33.61 -24.22
N LEU C 38 -1.52 -32.70 -25.04
CA LEU C 38 -0.65 -33.06 -26.16
C LEU C 38 0.69 -33.52 -25.60
N PRO C 39 1.11 -34.75 -25.98
CA PRO C 39 2.42 -35.23 -25.54
C PRO C 39 3.53 -34.47 -26.25
N TYR C 40 4.73 -34.47 -25.67
CA TYR C 40 5.89 -33.90 -26.33
C TYR C 40 6.28 -34.79 -27.50
N GLY C 41 6.83 -34.19 -28.55
CA GLY C 41 7.29 -34.96 -29.70
C GLY C 41 8.31 -36.00 -29.28
N SER C 42 9.21 -35.59 -28.38
CA SER C 42 10.23 -36.49 -27.89
C SER C 42 10.41 -36.31 -26.39
N VAL C 43 10.46 -37.42 -25.67
CA VAL C 43 10.72 -37.39 -24.24
C VAL C 43 11.90 -38.30 -23.92
N ILE C 44 12.81 -37.82 -23.10
CA ILE C 44 13.95 -38.62 -22.68
C ILE C 44 14.02 -38.69 -21.16
N ASN C 45 14.20 -39.90 -20.64
CA ASN C 45 14.36 -40.09 -19.21
C ASN C 45 15.80 -40.42 -18.89
N TYR C 46 16.29 -39.87 -17.79
CA TYR C 46 17.68 -40.02 -17.40
C TYR C 46 17.78 -40.47 -15.95
N TYR C 47 18.36 -41.64 -15.73
CA TYR C 47 18.49 -42.18 -14.39
C TYR C 47 19.89 -41.95 -13.84
N GLY C 48 19.98 -41.26 -12.70
CA GLY C 48 21.25 -40.95 -12.09
C GLY C 48 21.29 -41.30 -10.62
N TYR C 49 22.50 -41.22 -10.04
CA TYR C 49 22.67 -41.54 -8.63
C TYR C 49 23.79 -40.69 -8.03
N VAL C 50 23.45 -39.93 -6.99
CA VAL C 50 24.41 -39.05 -6.34
C VAL C 50 25.05 -39.74 -5.14
N LYS C 51 26.32 -40.06 -5.27
CA LYS C 51 27.06 -40.78 -4.24
C LYS C 51 28.04 -39.82 -3.57
N PRO C 52 27.94 -39.71 -2.23
CA PRO C 52 28.85 -38.79 -1.53
C PRO C 52 30.30 -39.15 -1.83
N GLY C 53 31.11 -38.14 -2.13
CA GLY C 53 32.51 -38.37 -2.46
C GLY C 53 32.75 -38.71 -3.92
N GLN C 54 31.70 -38.63 -4.73
CA GLN C 54 31.86 -38.86 -6.17
C GLN C 54 31.65 -37.57 -6.95
N ALA C 55 32.56 -37.29 -7.88
CA ALA C 55 32.53 -36.06 -8.65
C ALA C 55 31.30 -35.95 -9.55
N PRO C 56 30.63 -34.79 -9.52
CA PRO C 56 29.46 -34.53 -10.36
C PRO C 56 29.93 -34.11 -11.74
N ASP C 57 29.00 -33.73 -12.61
CA ASP C 57 29.37 -33.16 -13.90
C ASP C 57 29.89 -31.76 -13.69
N GLY C 58 29.38 -31.10 -12.65
CA GLY C 58 29.77 -29.74 -12.36
C GLY C 58 29.09 -29.21 -11.11
N LEU C 59 29.26 -27.92 -10.85
CA LEU C 59 28.65 -27.30 -9.69
C LEU C 59 27.76 -26.13 -10.10
N VAL C 60 26.67 -25.95 -9.35
CA VAL C 60 25.78 -24.83 -9.55
C VAL C 60 25.98 -23.86 -8.40
N ASP C 61 26.17 -22.59 -8.73
CA ASP C 61 26.43 -21.55 -7.74
C ASP C 61 27.61 -21.93 -6.83
N GLY C 62 28.52 -22.73 -7.37
CA GLY C 62 29.76 -23.03 -6.69
C GLY C 62 29.74 -24.15 -5.66
N ASN C 63 28.54 -24.54 -5.19
CA ASN C 63 28.47 -25.53 -4.11
C ASN C 63 27.40 -26.61 -4.22
N LYS C 64 26.61 -26.60 -5.29
CA LYS C 64 25.59 -27.62 -5.50
C LYS C 64 26.03 -28.61 -6.57
N LYS C 65 26.04 -29.89 -6.24
CA LYS C 65 26.38 -30.92 -7.23
C LYS C 65 25.36 -30.89 -8.36
N ALA C 66 25.83 -30.98 -9.60
CA ALA C 66 24.95 -30.86 -10.76
C ALA C 66 25.29 -31.90 -11.82
N TYR C 67 24.26 -32.35 -12.53
CA TYR C 67 24.44 -33.29 -13.63
C TYR C 67 23.73 -32.77 -14.87
N TYR C 68 24.41 -32.85 -16.02
CA TYR C 68 23.97 -32.15 -17.21
C TYR C 68 23.32 -33.00 -18.28
N LEU C 69 22.29 -32.45 -18.89
CA LEU C 69 21.81 -32.92 -20.18
C LEU C 69 21.92 -31.76 -21.13
N TYR C 70 22.38 -32.01 -22.35
CA TYR C 70 22.53 -30.96 -23.33
C TYR C 70 21.49 -31.13 -24.42
N VAL C 71 20.92 -30.01 -24.86
CA VAL C 71 19.90 -30.04 -25.88
C VAL C 71 20.28 -29.16 -27.06
N TRP C 72 20.37 -29.78 -28.23
CA TRP C 72 20.59 -29.01 -29.46
C TRP C 72 19.27 -28.81 -30.19
N ILE C 73 18.93 -27.55 -30.43
CA ILE C 73 17.68 -27.20 -31.09
C ILE C 73 17.96 -26.53 -32.43
N PRO C 74 17.69 -27.24 -33.54
CA PRO C 74 17.94 -26.72 -34.88
C PRO C 74 17.05 -25.54 -35.24
N ALA C 75 15.81 -25.53 -34.75
CA ALA C 75 14.88 -24.46 -35.07
C ALA C 75 13.83 -24.27 -33.98
N VAL C 76 13.33 -23.04 -33.84
CA VAL C 76 12.45 -22.64 -32.75
C VAL C 76 11.44 -23.72 -32.33
N ILE C 77 11.28 -23.86 -31.02
CA ILE C 77 10.39 -24.83 -30.43
C ILE C 77 9.43 -24.13 -29.49
N ALA C 78 8.20 -24.61 -29.42
CA ALA C 78 7.17 -23.96 -28.62
C ALA C 78 7.41 -24.09 -27.11
N GLU C 79 7.72 -25.31 -26.67
CA GLU C 79 7.79 -25.58 -25.25
C GLU C 79 8.80 -26.67 -24.93
N MSE C 80 9.43 -26.55 -23.76
CA MSE C 80 10.31 -27.57 -23.23
C MSE C 80 9.86 -27.89 -21.81
O MSE C 80 9.64 -26.99 -21.01
CB MSE C 80 11.77 -27.10 -23.24
CG MSE C 80 12.74 -28.06 -22.58
SE MSE C 80 14.53 -27.32 -22.36
CE MSE C 80 15.10 -27.24 -24.22
N GLY C 81 9.73 -29.18 -21.50
CA GLY C 81 9.37 -29.60 -20.16
C GLY C 81 10.53 -30.30 -19.47
N VAL C 82 10.80 -29.93 -18.24
CA VAL C 82 11.85 -30.56 -17.46
C VAL C 82 11.35 -30.99 -16.08
N ARG C 83 11.70 -32.21 -15.68
CA ARG C 83 11.23 -32.77 -14.42
C ARG C 83 12.35 -33.54 -13.74
N MSE C 84 12.34 -33.55 -12.41
CA MSE C 84 13.33 -34.29 -11.64
C MSE C 84 12.70 -34.87 -10.37
O MSE C 84 12.10 -34.14 -9.58
CB MSE C 84 14.51 -33.38 -11.29
CG MSE C 84 15.78 -34.13 -10.91
SE MSE C 84 17.18 -32.95 -10.23
CE MSE C 84 18.45 -34.32 -9.65
N ILE C 85 12.82 -36.18 -10.19
CA ILE C 85 12.25 -36.86 -9.04
C ILE C 85 13.30 -37.67 -8.28
N SER C 86 13.20 -37.69 -6.95
CA SER C 86 14.07 -38.48 -6.11
C SER C 86 13.28 -39.02 -4.90
N PRO C 87 13.42 -40.32 -4.59
CA PRO C 87 14.28 -41.31 -5.25
C PRO C 87 13.52 -42.06 -6.35
N THR C 88 14.13 -43.10 -6.91
CA THR C 88 13.51 -43.83 -8.01
C THR C 88 13.01 -45.23 -7.64
N GLY C 89 13.58 -45.82 -6.60
CA GLY C 89 13.29 -47.20 -6.21
C GLY C 89 11.83 -47.61 -6.28
N GLU C 90 10.98 -46.87 -5.56
CA GLU C 90 9.57 -47.22 -5.45
C GLU C 90 8.77 -46.96 -6.74
N ILE C 91 9.40 -46.30 -7.70
CA ILE C 91 8.71 -45.93 -8.94
C ILE C 91 8.96 -46.96 -10.05
N GLY C 92 10.21 -47.28 -10.27
CA GLY C 92 10.57 -48.26 -11.29
C GLY C 92 12.02 -48.18 -11.71
N GLU C 93 12.41 -49.12 -12.58
CA GLU C 93 13.76 -49.14 -13.12
C GLU C 93 13.77 -48.60 -14.55
N PRO C 94 14.95 -48.23 -15.04
CA PRO C 94 15.08 -47.75 -16.43
C PRO C 94 14.59 -48.81 -17.41
N GLY C 95 13.98 -48.37 -18.50
CA GLY C 95 13.55 -49.27 -19.55
C GLY C 95 14.38 -49.01 -20.79
N ASP C 96 13.94 -49.56 -21.91
CA ASP C 96 14.63 -49.36 -23.19
C ASP C 96 14.51 -47.91 -23.64
N GLY C 97 15.63 -47.34 -24.07
CA GLY C 97 15.64 -45.99 -24.57
C GLY C 97 15.94 -44.95 -23.51
N ASP C 98 15.99 -45.38 -22.25
CA ASP C 98 16.29 -44.48 -21.14
C ASP C 98 17.80 -44.32 -20.95
N LEU C 99 18.23 -43.13 -20.56
CA LEU C 99 19.64 -42.90 -20.24
C LEU C 99 19.90 -43.32 -18.80
N VAL C 100 21.00 -44.03 -18.59
CA VAL C 100 21.37 -44.52 -17.27
C VAL C 100 22.84 -44.24 -16.98
N SER C 101 23.11 -43.51 -15.92
CA SER C 101 24.49 -43.20 -15.54
C SER C 101 25.17 -44.44 -14.97
N ASP C 102 26.50 -44.43 -14.96
CA ASP C 102 27.26 -45.54 -14.40
C ASP C 102 27.01 -45.69 -12.91
N ALA C 103 26.92 -44.56 -12.22
CA ALA C 103 26.65 -44.55 -10.79
C ALA C 103 25.33 -45.26 -10.48
N PHE C 104 24.32 -45.04 -11.33
CA PHE C 104 23.02 -45.65 -11.12
C PHE C 104 23.06 -47.16 -11.33
N LYS C 105 23.84 -47.59 -12.31
CA LYS C 105 23.97 -49.02 -12.58
C LYS C 105 24.61 -49.72 -11.39
N ALA C 106 25.60 -49.06 -10.79
CA ALA C 106 26.33 -49.62 -9.66
C ALA C 106 25.50 -49.68 -8.38
N ALA C 107 24.52 -48.79 -8.26
CA ALA C 107 23.72 -48.69 -7.05
C ALA C 107 22.79 -49.89 -6.86
N THR C 108 22.59 -50.28 -5.60
CA THR C 108 21.72 -51.40 -5.26
C THR C 108 20.29 -50.93 -5.09
N PRO C 109 19.33 -51.86 -5.21
CA PRO C 109 17.91 -51.56 -4.97
C PRO C 109 17.69 -50.82 -3.66
N GLU C 110 18.43 -51.20 -2.62
CA GLU C 110 18.29 -50.58 -1.32
C GLU C 110 18.76 -49.12 -1.37
N GLU C 111 19.84 -48.88 -2.09
CA GLU C 111 20.42 -47.54 -2.20
C GLU C 111 19.52 -46.61 -3.01
N LYS C 112 18.68 -47.20 -3.86
CA LYS C 112 17.83 -46.44 -4.77
C LYS C 112 16.44 -46.20 -4.19
N SER C 113 16.22 -46.61 -2.95
CA SER C 113 14.91 -46.46 -2.33
C SER C 113 15.00 -45.64 -1.05
N MSE C 114 13.85 -45.29 -0.50
CA MSE C 114 13.79 -44.65 0.82
C MSE C 114 14.57 -45.50 1.81
O MSE C 114 14.61 -46.73 1.67
CB MSE C 114 12.33 -44.47 1.25
CG MSE C 114 11.56 -43.53 0.36
SE MSE C 114 12.43 -41.79 0.30
CE MSE C 114 11.81 -41.11 2.02
N PRO C 115 15.20 -44.87 2.80
CA PRO C 115 15.11 -43.44 3.13
C PRO C 115 16.14 -42.59 2.40
N HIS C 116 16.74 -43.12 1.34
CA HIS C 116 17.77 -42.38 0.62
C HIS C 116 17.19 -41.55 -0.54
N TRP C 117 17.29 -40.23 -0.40
CA TRP C 117 16.76 -39.31 -1.39
C TRP C 117 17.28 -37.91 -1.09
N PHE C 118 17.02 -36.97 -1.99
CA PHE C 118 17.37 -35.58 -1.75
C PHE C 118 16.38 -34.62 -2.40
N ASP C 119 16.45 -33.37 -1.96
CA ASP C 119 15.57 -32.32 -2.43
C ASP C 119 16.02 -31.77 -3.78
N THR C 120 15.29 -32.08 -4.85
CA THR C 120 15.76 -31.82 -6.21
C THR C 120 15.72 -30.34 -6.61
N TRP C 121 16.46 -30.00 -7.66
CA TRP C 121 16.47 -28.64 -8.19
C TRP C 121 16.86 -28.67 -9.65
N ILE C 122 16.18 -27.86 -10.46
CA ILE C 122 16.44 -27.80 -11.89
C ILE C 122 16.79 -26.38 -12.35
N ARG C 123 17.75 -26.28 -13.25
CA ARG C 123 18.09 -25.00 -13.87
C ARG C 123 18.34 -25.18 -15.37
N VAL C 124 17.78 -24.29 -16.16
CA VAL C 124 17.95 -24.34 -17.59
C VAL C 124 18.68 -23.09 -18.09
N GLU C 125 19.72 -23.30 -18.89
CA GLU C 125 20.55 -22.20 -19.36
C GLU C 125 20.79 -22.29 -20.86
N ARG C 126 20.86 -21.13 -21.51
CA ARG C 126 21.24 -21.06 -22.90
C ARG C 126 22.77 -21.01 -22.99
N MSE C 127 23.36 -21.86 -23.81
CA MSE C 127 24.80 -21.84 -24.03
C MSE C 127 25.13 -21.04 -25.30
O MSE C 127 24.23 -20.53 -25.96
CB MSE C 127 25.36 -23.27 -24.13
CG MSE C 127 24.89 -24.19 -22.99
SE MSE C 127 25.38 -23.54 -21.20
CE MSE C 127 27.27 -24.03 -21.20
N SER C 128 26.41 -20.93 -25.62
CA SER C 128 26.84 -20.00 -26.68
C SER C 128 26.77 -20.58 -28.11
N ALA C 129 26.82 -21.90 -28.24
CA ALA C 129 26.81 -22.54 -29.55
C ALA C 129 25.58 -22.18 -30.40
N ILE C 130 25.82 -21.89 -31.68
CA ILE C 130 24.74 -21.63 -32.62
C ILE C 130 24.95 -22.44 -33.91
N MSE C 131 26.00 -23.26 -33.90
CA MSE C 131 26.25 -24.23 -34.96
C MSE C 131 26.64 -25.54 -34.31
O MSE C 131 27.27 -25.56 -33.26
CB MSE C 131 27.38 -23.74 -35.88
CG MSE C 131 27.04 -22.48 -36.65
SE MSE C 131 25.64 -22.82 -37.96
CE MSE C 131 26.76 -23.30 -39.48
N PRO C 132 26.23 -26.66 -34.93
CA PRO C 132 26.50 -27.99 -34.38
C PRO C 132 27.95 -28.24 -33.95
N ASP C 133 28.93 -27.79 -34.74
CA ASP C 133 30.32 -28.08 -34.39
C ASP C 133 30.90 -27.17 -33.30
N GLN C 134 30.08 -26.28 -32.76
CA GLN C 134 30.50 -25.40 -31.67
C GLN C 134 30.02 -25.94 -30.33
N ILE C 135 29.36 -27.08 -30.37
CA ILE C 135 28.70 -27.64 -29.19
C ILE C 135 29.67 -28.08 -28.08
N ALA C 136 30.64 -28.89 -28.42
CA ALA C 136 31.64 -29.31 -27.43
C ALA C 136 32.35 -28.11 -26.83
N LYS C 137 32.59 -27.10 -27.67
CA LYS C 137 33.24 -25.86 -27.24
C LYS C 137 32.37 -25.09 -26.24
N ALA C 138 31.12 -24.82 -26.62
CA ALA C 138 30.20 -24.06 -25.77
C ALA C 138 29.98 -24.73 -24.42
N ALA C 139 29.99 -26.06 -24.42
CA ALA C 139 29.80 -26.82 -23.18
C ALA C 139 30.88 -26.50 -22.14
N LYS C 140 32.10 -26.25 -22.60
CA LYS C 140 33.20 -25.88 -21.72
C LYS C 140 33.12 -24.42 -21.29
N ALA C 141 32.40 -23.61 -22.08
CA ALA C 141 32.31 -22.18 -21.82
C ALA C 141 31.23 -21.85 -20.79
N LYS C 142 31.23 -20.61 -20.31
CA LYS C 142 30.24 -20.15 -19.36
C LYS C 142 28.89 -20.00 -20.03
N PRO C 143 27.81 -20.22 -19.27
CA PRO C 143 26.44 -19.99 -19.77
C PRO C 143 26.30 -18.59 -20.33
N VAL C 144 25.24 -18.37 -21.11
CA VAL C 144 25.01 -17.08 -21.75
C VAL C 144 23.79 -16.39 -21.14
N GLN C 145 22.81 -17.19 -20.77
CA GLN C 145 21.61 -16.68 -20.11
C GLN C 145 20.92 -17.79 -19.34
N LYS C 146 20.48 -17.49 -18.13
CA LYS C 146 19.67 -18.42 -17.36
C LYS C 146 18.22 -18.24 -17.73
N LEU C 147 17.57 -19.32 -18.16
CA LEU C 147 16.19 -19.27 -18.59
C LEU C 147 15.23 -19.50 -17.43
N ASP C 148 15.51 -20.48 -16.58
CA ASP C 148 14.64 -20.75 -15.45
C ASP C 148 15.26 -21.62 -14.35
N ASP C 149 14.67 -21.54 -13.17
CA ASP C 149 15.00 -22.39 -12.04
C ASP C 149 13.68 -22.94 -11.51
N ASP C 150 13.67 -24.19 -11.07
CA ASP C 150 12.53 -24.68 -10.28
C ASP C 150 12.96 -25.55 -9.12
N ASP C 151 12.33 -25.29 -7.98
CA ASP C 151 12.58 -26.06 -6.77
C ASP C 151 11.54 -27.17 -6.63
N ASP C 152 10.33 -26.80 -6.20
CA ASP C 152 9.30 -27.77 -5.84
C ASP C 152 8.07 -27.76 -6.73
N GLY C 153 8.27 -27.74 -8.05
CA GLY C 153 7.16 -27.55 -8.96
C GLY C 153 6.38 -28.77 -9.43
N ASP C 154 6.89 -29.97 -9.21
CA ASP C 154 6.27 -31.15 -9.83
C ASP C 154 4.88 -31.50 -9.32
N ASP C 155 3.98 -31.73 -10.26
CA ASP C 155 2.61 -32.13 -9.95
C ASP C 155 2.18 -33.32 -10.81
N THR C 156 3.14 -33.94 -11.50
CA THR C 156 2.84 -35.07 -12.37
C THR C 156 2.95 -36.39 -11.63
N TYR C 157 3.82 -36.44 -10.63
CA TYR C 157 3.99 -37.63 -9.82
C TYR C 157 3.46 -37.40 -8.41
N LYS C 158 2.48 -38.21 -8.01
CA LYS C 158 1.91 -38.09 -6.67
C LYS C 158 2.93 -38.56 -5.65
N GLU C 159 3.66 -37.61 -5.06
CA GLU C 159 4.73 -37.92 -4.12
C GLU C 159 4.21 -38.09 -2.70
N GLU C 160 4.38 -39.28 -2.14
CA GLU C 160 3.87 -39.56 -0.80
C GLU C 160 4.93 -40.17 0.12
N ARG C 161 6.12 -40.40 -0.41
CA ARG C 161 7.21 -40.97 0.36
C ARG C 161 7.89 -39.90 1.22
N HIS C 162 7.67 -38.64 0.84
CA HIS C 162 8.24 -37.52 1.58
C HIS C 162 7.56 -36.24 1.12
N ASN C 163 8.00 -35.11 1.66
CA ASN C 163 7.47 -33.81 1.24
C ASN C 163 7.56 -33.65 -0.27
N LYS C 164 6.63 -32.92 -0.85
CA LYS C 164 6.58 -32.75 -2.30
C LYS C 164 7.65 -31.78 -2.80
N TYR C 165 8.89 -32.26 -2.85
CA TYR C 165 10.04 -31.43 -3.22
C TYR C 165 10.57 -31.71 -4.62
N ASN C 166 9.86 -32.50 -5.40
CA ASN C 166 10.32 -32.79 -6.76
C ASN C 166 10.17 -31.58 -7.68
N SER C 167 11.02 -31.51 -8.70
CA SER C 167 11.07 -30.33 -9.56
C SER C 167 10.31 -30.51 -10.87
N LEU C 168 9.73 -29.42 -11.36
CA LEU C 168 9.10 -29.42 -12.67
C LEU C 168 9.09 -28.00 -13.22
N THR C 169 9.56 -27.85 -14.45
CA THR C 169 9.53 -26.55 -15.10
C THR C 169 9.13 -26.68 -16.57
N ARG C 170 8.27 -25.78 -17.02
CA ARG C 170 7.91 -25.71 -18.42
C ARG C 170 8.26 -24.34 -18.97
N ILE C 171 9.15 -24.32 -19.96
CA ILE C 171 9.55 -23.08 -20.61
C ILE C 171 8.79 -22.94 -21.91
N LYS C 172 7.96 -21.91 -22.00
CA LYS C 172 7.08 -21.78 -23.16
C LYS C 172 6.62 -20.37 -23.50
N ILE C 173 5.92 -20.27 -24.62
CA ILE C 173 5.43 -19.00 -25.12
C ILE C 173 3.94 -18.85 -24.80
N ASN C 185 5.16 -7.93 -25.31
CA ASN C 185 6.55 -8.27 -25.60
C ASN C 185 7.08 -9.41 -24.74
N ILE C 186 6.86 -10.64 -25.17
CA ILE C 186 7.26 -11.81 -24.40
C ILE C 186 8.78 -11.87 -24.22
N ASP C 187 9.22 -12.28 -23.04
CA ASP C 187 10.64 -12.29 -22.70
C ASP C 187 11.47 -13.23 -23.57
N THR C 188 12.74 -12.88 -23.78
CA THR C 188 13.68 -13.72 -24.50
C THR C 188 14.06 -14.97 -23.72
N LYS C 189 13.78 -14.97 -22.42
CA LYS C 189 14.21 -16.08 -21.57
C LYS C 189 13.35 -17.32 -21.77
N LYS C 190 12.47 -17.29 -22.75
CA LYS C 190 11.68 -18.47 -23.05
C LYS C 190 11.51 -18.69 -24.56
N LEU C 191 12.31 -18.00 -25.34
CA LEU C 191 12.30 -18.24 -26.77
C LEU C 191 13.33 -19.31 -27.01
N LEU C 192 12.85 -20.54 -27.22
CA LEU C 192 13.71 -21.68 -27.47
C LEU C 192 14.08 -21.72 -28.95
N VAL C 193 14.82 -20.71 -29.38
CA VAL C 193 15.29 -20.63 -30.76
C VAL C 193 16.52 -21.51 -30.97
N ARG C 194 16.98 -21.56 -32.22
CA ARG C 194 18.15 -22.35 -32.57
C ARG C 194 19.28 -22.14 -31.58
N GLY C 195 19.85 -23.23 -31.07
CA GLY C 195 20.99 -23.13 -30.18
C GLY C 195 21.19 -24.30 -29.25
N LEU C 196 22.21 -24.17 -28.39
CA LEU C 196 22.54 -25.19 -27.41
C LEU C 196 21.99 -24.80 -26.04
N TYR C 197 21.38 -25.76 -25.37
CA TYR C 197 20.88 -25.52 -24.02
C TYR C 197 21.43 -26.55 -23.05
N ARG C 198 21.73 -26.10 -21.84
CA ARG C 198 22.17 -27.02 -20.82
C ARG C 198 21.16 -27.09 -19.69
N ILE C 199 20.78 -28.30 -19.34
CA ILE C 199 19.89 -28.50 -18.21
C ILE C 199 20.67 -29.04 -17.03
N SER C 200 20.63 -28.31 -15.92
CA SER C 200 21.33 -28.73 -14.72
C SER C 200 20.37 -29.43 -13.77
N PHE C 201 20.57 -30.72 -13.58
CA PHE C 201 19.86 -31.47 -12.56
C PHE C 201 20.69 -31.44 -11.29
N THR C 202 20.21 -30.69 -10.31
CA THR C 202 20.98 -30.37 -9.13
C THR C 202 20.14 -30.50 -7.87
N THR C 203 20.57 -29.85 -6.80
CA THR C 203 19.96 -30.06 -5.49
C THR C 203 19.58 -28.74 -4.82
N TYR C 204 18.56 -28.77 -3.98
CA TYR C 204 18.20 -27.61 -3.18
C TYR C 204 19.30 -27.33 -2.17
N LYS C 205 19.80 -28.39 -1.56
CA LYS C 205 20.78 -28.27 -0.48
C LYS C 205 22.21 -28.22 -1.02
N PRO C 206 23.01 -27.28 -0.50
CA PRO C 206 24.43 -27.21 -0.85
C PRO C 206 25.21 -28.35 -0.20
N GLY C 207 26.33 -28.73 -0.81
CA GLY C 207 27.19 -29.75 -0.23
C GLY C 207 26.78 -31.18 -0.55
N GLU C 208 27.20 -32.11 0.30
CA GLU C 208 27.00 -33.53 0.05
C GLU C 208 25.54 -33.97 0.20
N VAL C 209 25.11 -34.79 -0.74
CA VAL C 209 23.76 -35.33 -0.77
C VAL C 209 23.86 -36.77 -1.23
N LYS C 210 22.81 -37.57 -0.99
CA LYS C 210 22.84 -38.98 -1.33
C LYS C 210 21.49 -39.45 -1.85
N GLY C 211 21.50 -40.15 -2.98
CA GLY C 211 20.27 -40.73 -3.48
C GLY C 211 20.13 -40.84 -4.99
N SER C 212 19.17 -41.64 -5.43
CA SER C 212 18.87 -41.81 -6.84
C SER C 212 17.95 -40.70 -7.32
N PHE C 213 17.90 -40.51 -8.64
CA PHE C 213 16.95 -39.57 -9.23
C PHE C 213 16.64 -39.92 -10.69
N VAL C 214 15.46 -39.53 -11.14
CA VAL C 214 15.10 -39.69 -12.54
C VAL C 214 14.73 -38.33 -13.13
N ALA C 215 15.42 -37.96 -14.20
CA ALA C 215 15.16 -36.71 -14.88
C ALA C 215 14.40 -36.97 -16.16
N SER C 216 13.47 -36.09 -16.50
CA SER C 216 12.73 -36.21 -17.74
C SER C 216 12.80 -34.90 -18.51
N VAL C 217 12.97 -35.01 -19.82
CA VAL C 217 12.99 -33.84 -20.69
C VAL C 217 12.04 -34.08 -21.86
N GLY C 218 11.19 -33.09 -22.13
CA GLY C 218 10.28 -33.17 -23.26
C GLY C 218 10.38 -31.94 -24.13
N LEU C 219 10.26 -32.14 -25.44
CA LEU C 219 10.35 -31.05 -26.39
C LEU C 219 9.16 -31.09 -27.33
N LEU C 220 8.41 -30.00 -27.40
CA LEU C 220 7.23 -29.94 -28.25
C LEU C 220 7.62 -29.72 -29.70
N PHE C 221 8.01 -30.80 -30.37
CA PHE C 221 8.43 -30.74 -31.77
C PHE C 221 8.48 -32.14 -32.35
N PRO C 222 8.08 -32.29 -33.62
CA PRO C 222 8.13 -33.58 -34.33
C PRO C 222 9.53 -34.19 -34.27
N PRO C 223 9.62 -35.46 -33.86
CA PRO C 223 10.90 -36.15 -33.72
C PRO C 223 11.39 -36.73 -35.03
N GLY C 224 12.65 -37.10 -35.09
CA GLY C 224 13.19 -37.90 -36.18
C GLY C 224 13.19 -37.24 -37.56
N ILE C 225 13.41 -35.94 -37.60
CA ILE C 225 13.68 -35.26 -38.86
C ILE C 225 15.09 -34.68 -38.80
N PRO C 226 16.05 -35.39 -39.38
CA PRO C 226 17.48 -35.06 -39.28
C PRO C 226 17.76 -33.60 -39.59
N GLY C 227 18.41 -32.90 -38.66
CA GLY C 227 18.80 -31.52 -38.85
C GLY C 227 17.67 -30.53 -38.58
N VAL C 228 16.50 -31.05 -38.25
CA VAL C 228 15.35 -30.20 -37.95
C VAL C 228 14.84 -30.49 -36.54
N SER C 229 14.78 -31.77 -36.19
CA SER C 229 14.34 -32.19 -34.88
C SER C 229 15.47 -31.99 -33.85
N PRO C 230 15.09 -31.70 -32.61
CA PRO C 230 16.04 -31.51 -31.50
C PRO C 230 16.79 -32.79 -31.17
N LEU C 231 17.99 -32.63 -30.61
CA LEU C 231 18.84 -33.75 -30.18
C LEU C 231 19.24 -33.57 -28.73
N ILE C 232 19.20 -34.65 -27.95
CA ILE C 232 19.53 -34.57 -26.53
C ILE C 232 20.58 -35.61 -26.14
N HIS C 233 21.54 -35.20 -25.32
CA HIS C 233 22.56 -36.12 -24.82
C HIS C 233 23.23 -35.59 -23.56
N SER C 234 23.77 -36.50 -22.77
CA SER C 234 24.48 -36.12 -21.55
C SER C 234 25.94 -35.78 -21.81
N ASN C 235 26.48 -36.27 -22.92
CA ASN C 235 27.85 -35.95 -23.32
C ASN C 235 27.89 -35.00 -24.50
N PRO C 236 28.45 -33.80 -24.30
CA PRO C 236 28.45 -32.75 -25.33
C PRO C 236 29.16 -33.18 -26.61
N GLU C 237 30.27 -33.88 -26.48
CA GLU C 237 31.03 -34.34 -27.66
C GLU C 237 30.16 -35.24 -28.52
N GLU C 238 29.48 -36.18 -27.87
CA GLU C 238 28.59 -37.09 -28.56
C GLU C 238 27.42 -36.35 -29.21
N LEU C 239 26.87 -35.38 -28.50
CA LEU C 239 25.79 -34.57 -29.04
C LEU C 239 26.25 -33.85 -30.31
N GLN C 240 27.45 -33.30 -30.27
CA GLN C 240 28.03 -32.63 -31.43
C GLN C 240 28.11 -33.58 -32.62
N LYS C 241 28.70 -34.74 -32.41
CA LYS C 241 28.84 -35.74 -33.46
C LYS C 241 27.50 -36.01 -34.15
N GLN C 242 26.48 -36.22 -33.33
CA GLN C 242 25.14 -36.51 -33.85
C GLN C 242 24.49 -35.30 -34.51
N ALA C 243 24.69 -34.12 -33.90
CA ALA C 243 24.12 -32.90 -34.45
C ALA C 243 24.74 -32.60 -35.81
N ILE C 244 26.04 -32.81 -35.91
CA ILE C 244 26.76 -32.60 -37.16
C ILE C 244 26.26 -33.55 -38.24
N ALA C 245 26.29 -34.85 -37.96
CA ALA C 245 25.84 -35.84 -38.92
C ALA C 245 24.43 -35.55 -39.38
N ALA C 246 23.58 -35.11 -38.45
CA ALA C 246 22.18 -34.83 -38.76
C ALA C 246 22.01 -33.70 -39.78
N GLU C 247 22.82 -32.65 -39.64
CA GLU C 247 22.77 -31.56 -40.60
C GLU C 247 23.42 -31.95 -41.94
N GLU C 248 24.45 -32.79 -41.88
CA GLU C 248 25.07 -33.30 -43.09
C GLU C 248 24.03 -34.07 -43.88
N SER C 249 23.26 -34.89 -43.18
CA SER C 249 22.17 -35.64 -43.78
C SER C 249 21.16 -34.70 -44.43
N LEU C 250 20.89 -33.60 -43.75
CA LEU C 250 19.94 -32.61 -44.26
C LEU C 250 20.49 -31.91 -45.50
N LYS C 251 21.76 -31.52 -45.43
CA LYS C 251 22.46 -30.99 -46.60
C LYS C 251 22.28 -31.92 -47.78
N LYS C 252 22.74 -33.15 -47.61
CA LYS C 252 22.73 -34.16 -48.66
C LYS C 252 21.35 -34.29 -49.30
N ALA C 253 20.32 -34.35 -48.48
CA ALA C 253 18.96 -34.49 -48.97
C ALA C 253 18.54 -33.29 -49.80
N ALA C 254 19.10 -32.13 -49.48
CA ALA C 254 18.73 -30.88 -50.13
C ALA C 254 19.56 -30.62 -51.39
N SER C 255 20.35 -31.60 -51.80
CA SER C 255 21.11 -31.48 -53.04
C SER C 255 21.18 -32.81 -53.77
N GLY D 11 -25.93 23.21 19.04
CA GLY D 11 -26.13 21.78 19.11
C GLY D 11 -26.02 21.13 17.74
N GLY D 12 -27.15 21.08 17.04
CA GLY D 12 -27.24 20.51 15.71
C GLY D 12 -25.97 20.26 14.92
N LEU D 13 -25.35 21.33 14.41
CA LEU D 13 -24.24 21.18 13.47
C LEU D 13 -22.92 20.78 14.13
N PRO D 14 -22.44 19.56 13.84
CA PRO D 14 -21.18 19.05 14.40
C PRO D 14 -20.01 19.95 14.05
N SER D 15 -19.10 20.14 15.00
CA SER D 15 -17.91 20.93 14.74
C SER D 15 -17.12 20.35 13.57
N LEU D 16 -16.50 21.22 12.80
CA LEU D 16 -15.61 20.78 11.75
C LEU D 16 -14.21 20.92 12.34
N LYS D 17 -13.54 19.79 12.50
CA LYS D 17 -12.20 19.77 13.08
C LYS D 17 -11.15 19.35 12.05
N SER D 18 -9.90 19.69 12.33
CA SER D 18 -8.79 19.30 11.48
C SER D 18 -8.55 17.79 11.61
N SER D 19 -7.65 17.28 10.79
CA SER D 19 -7.27 15.87 10.85
C SER D 19 -6.09 15.64 11.79
N PHE D 20 -5.74 16.68 12.55
CA PHE D 20 -4.63 16.58 13.49
C PHE D 20 -5.09 15.91 14.77
N VAL D 21 -4.46 14.79 15.12
CA VAL D 21 -4.81 14.06 16.32
C VAL D 21 -3.95 14.49 17.49
N LEU D 22 -4.59 15.00 18.54
CA LEU D 22 -3.90 15.43 19.74
C LEU D 22 -3.80 14.28 20.73
N SER D 23 -4.92 13.59 20.89
CA SER D 23 -5.05 12.54 21.89
C SER D 23 -5.65 11.29 21.28
N GLU D 24 -5.32 10.14 21.86
CA GLU D 24 -5.91 8.88 21.42
C GLU D 24 -5.93 7.87 22.56
N SER D 25 -7.04 7.15 22.68
CA SER D 25 -7.22 6.16 23.73
C SER D 25 -8.30 5.16 23.34
N THR D 26 -7.97 3.88 23.36
CA THR D 26 -8.96 2.85 23.04
C THR D 26 -9.72 2.39 24.28
N VAL D 27 -10.96 1.98 24.06
CA VAL D 27 -11.83 1.54 25.12
C VAL D 27 -11.76 0.02 25.22
N PRO D 28 -11.18 -0.48 26.32
CA PRO D 28 -11.07 -1.94 26.51
C PRO D 28 -12.45 -2.63 26.50
N GLY D 29 -12.56 -3.70 25.73
CA GLY D 29 -13.76 -4.53 25.71
C GLY D 29 -14.92 -4.00 24.88
N THR D 30 -14.61 -3.28 23.80
CA THR D 30 -15.64 -2.58 23.01
C THR D 30 -15.30 -2.41 21.54
N ASN D 31 -16.18 -1.67 20.86
CA ASN D 31 -16.01 -1.25 19.47
C ASN D 31 -15.02 -0.12 19.24
N GLU D 32 -14.74 0.66 20.29
CA GLU D 32 -14.26 2.04 20.14
C GLU D 32 -12.79 2.37 20.44
N THR D 33 -12.37 3.48 19.86
CA THR D 33 -11.22 4.26 20.33
C THR D 33 -11.59 5.75 20.21
N VAL D 34 -11.34 6.52 21.28
CA VAL D 34 -11.71 7.92 21.30
C VAL D 34 -10.55 8.82 20.89
N LYS D 35 -10.80 9.72 19.94
CA LYS D 35 -9.76 10.60 19.45
C LYS D 35 -10.12 12.06 19.65
N THR D 36 -9.14 12.84 20.11
CA THR D 36 -9.31 14.27 20.27
C THR D 36 -8.58 14.95 19.11
N PHE D 37 -9.31 15.77 18.36
CA PHE D 37 -8.72 16.46 17.21
C PHE D 37 -8.46 17.92 17.49
N LEU D 38 -7.38 18.43 16.92
CA LEU D 38 -7.11 19.86 16.98
C LEU D 38 -8.17 20.59 16.18
N PRO D 39 -8.87 21.54 16.81
CA PRO D 39 -9.82 22.34 16.04
C PRO D 39 -9.08 23.28 15.11
N TYR D 40 -9.74 23.73 14.06
CA TYR D 40 -9.18 24.76 13.22
C TYR D 40 -9.12 26.06 14.01
N GLY D 41 -8.21 26.95 13.63
CA GLY D 41 -8.08 28.23 14.30
C GLY D 41 -9.32 29.06 14.10
N SER D 42 -9.84 29.00 12.87
CA SER D 42 -11.07 29.70 12.54
C SER D 42 -11.97 28.79 11.72
N VAL D 43 -13.26 28.79 12.05
CA VAL D 43 -14.24 28.05 11.29
C VAL D 43 -15.40 28.99 10.94
N ILE D 44 -15.81 28.97 9.69
CA ILE D 44 -16.94 29.77 9.25
C ILE D 44 -18.03 28.87 8.67
N ASN D 45 -19.27 29.12 9.06
CA ASN D 45 -20.40 28.40 8.50
C ASN D 45 -21.24 29.30 7.61
N TYR D 46 -21.67 28.76 6.48
CA TYR D 46 -22.38 29.52 5.48
C TYR D 46 -23.69 28.80 5.14
N TYR D 47 -24.80 29.50 5.31
CA TYR D 47 -26.11 28.92 5.06
C TYR D 47 -26.71 29.45 3.76
N GLY D 48 -26.96 28.54 2.82
CA GLY D 48 -27.48 28.91 1.53
C GLY D 48 -28.72 28.14 1.14
N TYR D 49 -29.36 28.55 0.06
CA TYR D 49 -30.55 27.88 -0.43
C TYR D 49 -30.63 27.97 -1.95
N VAL D 50 -30.71 26.82 -2.60
CA VAL D 50 -30.78 26.76 -4.05
C VAL D 50 -32.23 26.70 -4.53
N LYS D 51 -32.68 27.78 -5.16
CA LYS D 51 -34.04 27.91 -5.64
C LYS D 51 -34.06 27.80 -7.16
N PRO D 52 -34.83 26.85 -7.70
CA PRO D 52 -34.92 26.71 -9.15
C PRO D 52 -35.34 28.02 -9.80
N GLY D 53 -34.61 28.45 -10.82
CA GLY D 53 -34.92 29.68 -11.52
C GLY D 53 -34.22 30.89 -10.93
N GLN D 54 -33.40 30.66 -9.91
CA GLN D 54 -32.64 31.75 -9.32
C GLN D 54 -31.15 31.62 -9.66
N ALA D 55 -30.57 32.73 -10.11
CA ALA D 55 -29.18 32.74 -10.56
C ALA D 55 -28.19 32.44 -9.45
N PRO D 56 -27.23 31.54 -9.72
CA PRO D 56 -26.19 31.19 -8.76
C PRO D 56 -25.08 32.24 -8.79
N ASP D 57 -24.01 32.03 -8.04
CA ASP D 57 -22.85 32.90 -8.13
C ASP D 57 -22.18 32.65 -9.46
N GLY D 58 -22.21 31.39 -9.90
CA GLY D 58 -21.59 30.99 -11.14
C GLY D 58 -21.88 29.53 -11.48
N LEU D 59 -21.18 29.03 -12.50
CA LEU D 59 -21.40 27.66 -12.98
C LEU D 59 -20.12 26.83 -13.01
N VAL D 60 -20.22 25.58 -12.54
CA VAL D 60 -19.08 24.67 -12.53
C VAL D 60 -19.19 23.74 -13.74
N ASP D 61 -18.12 23.64 -14.51
CA ASP D 61 -18.12 22.81 -15.70
C ASP D 61 -19.27 23.20 -16.64
N GLY D 62 -19.69 24.45 -16.55
CA GLY D 62 -20.68 24.99 -17.46
C GLY D 62 -22.15 24.73 -17.13
N ASN D 63 -22.43 23.75 -16.27
CA ASN D 63 -23.84 23.37 -16.04
C ASN D 63 -24.26 23.06 -14.61
N LYS D 64 -23.33 23.15 -13.66
CA LYS D 64 -23.66 22.96 -12.26
C LYS D 64 -23.75 24.31 -11.56
N LYS D 65 -24.86 24.58 -10.88
CA LYS D 65 -25.00 25.79 -10.10
C LYS D 65 -23.95 25.81 -8.99
N ALA D 66 -23.34 26.96 -8.76
CA ALA D 66 -22.28 27.07 -7.77
C ALA D 66 -22.36 28.34 -6.94
N TYR D 67 -21.92 28.24 -5.69
CA TYR D 67 -21.90 29.38 -4.80
C TYR D 67 -20.52 29.49 -4.16
N TYR D 68 -19.98 30.70 -4.11
CA TYR D 68 -18.57 30.88 -3.80
C TYR D 68 -18.30 31.41 -2.40
N LEU D 69 -17.23 30.89 -1.80
CA LEU D 69 -16.56 31.53 -0.68
C LEU D 69 -15.11 31.81 -1.08
N TYR D 70 -14.65 33.02 -0.80
CA TYR D 70 -13.29 33.41 -1.13
C TYR D 70 -12.42 33.44 0.12
N VAL D 71 -11.24 32.84 0.01
CA VAL D 71 -10.30 32.78 1.12
C VAL D 71 -8.99 33.48 0.78
N TRP D 72 -8.66 34.53 1.53
CA TRP D 72 -7.35 35.15 1.41
C TRP D 72 -6.40 34.60 2.47
N ILE D 73 -5.27 34.06 2.03
CA ILE D 73 -4.27 33.50 2.92
C ILE D 73 -2.96 34.28 2.84
N PRO D 74 -2.65 35.05 3.90
CA PRO D 74 -1.45 35.90 3.92
C PRO D 74 -0.15 35.11 3.91
N ALA D 75 -0.13 33.95 4.57
CA ALA D 75 1.07 33.12 4.63
C ALA D 75 0.72 31.64 4.82
N VAL D 76 1.60 30.78 4.34
CA VAL D 76 1.34 29.34 4.30
C VAL D 76 0.52 28.79 5.47
N ILE D 77 -0.38 27.86 5.15
CA ILE D 77 -1.24 27.23 6.14
C ILE D 77 -1.15 25.72 6.01
N ALA D 78 -1.22 25.02 7.14
CA ALA D 78 -1.05 23.57 7.14
C ALA D 78 -2.20 22.84 6.46
N GLU D 79 -3.43 23.21 6.79
CA GLU D 79 -4.60 22.46 6.33
C GLU D 79 -5.84 23.35 6.17
N MSE D 80 -6.65 23.02 5.17
CA MSE D 80 -7.96 23.64 5.02
C MSE D 80 -9.01 22.54 5.01
O MSE D 80 -8.84 21.52 4.33
CB MSE D 80 -8.04 24.47 3.74
CG MSE D 80 -9.40 25.13 3.52
SE MSE D 80 -9.60 26.00 1.80
CE MSE D 80 -8.26 27.39 1.96
N GLY D 81 -10.08 22.75 5.75
CA GLY D 81 -11.20 21.81 5.77
C GLY D 81 -12.42 22.43 5.13
N VAL D 82 -13.06 21.69 4.23
CA VAL D 82 -14.28 22.16 3.59
C VAL D 82 -15.36 21.09 3.66
N ARG D 83 -16.57 21.51 4.04
CA ARG D 83 -17.67 20.59 4.21
C ARG D 83 -18.95 21.20 3.67
N MSE D 84 -19.85 20.36 3.19
CA MSE D 84 -21.12 20.82 2.64
C MSE D 84 -22.21 19.78 2.89
O MSE D 84 -22.05 18.62 2.54
CB MSE D 84 -20.98 21.10 1.14
CG MSE D 84 -22.06 21.99 0.57
SE MSE D 84 -22.07 22.01 -1.38
CE MSE D 84 -23.65 23.09 -1.63
N ILE D 85 -23.30 20.22 3.51
CA ILE D 85 -24.41 19.32 3.86
C ILE D 85 -25.76 19.85 3.38
N SER D 86 -26.62 18.93 2.95
CA SER D 86 -27.96 19.28 2.52
C SER D 86 -28.93 18.18 2.97
N PRO D 87 -30.10 18.56 3.53
CA PRO D 87 -30.57 19.92 3.81
C PRO D 87 -30.15 20.37 5.21
N THR D 88 -30.69 21.49 5.69
CA THR D 88 -30.28 22.04 6.96
C THR D 88 -31.37 21.99 8.03
N GLY D 89 -32.62 21.95 7.59
CA GLY D 89 -33.78 22.01 8.48
C GLY D 89 -33.64 21.18 9.75
N GLU D 90 -33.38 19.88 9.58
CA GLU D 90 -33.33 18.95 10.71
C GLU D 90 -32.11 19.14 11.59
N ILE D 91 -31.15 19.93 11.13
CA ILE D 91 -29.88 20.11 11.85
C ILE D 91 -29.87 21.35 12.74
N GLY D 92 -30.23 22.50 12.20
CA GLY D 92 -30.27 23.70 12.99
C GLY D 92 -30.34 24.97 12.15
N GLU D 93 -30.58 26.09 12.81
CA GLU D 93 -30.63 27.38 12.14
C GLU D 93 -29.30 28.11 12.33
N PRO D 94 -29.02 29.08 11.46
CA PRO D 94 -27.78 29.85 11.61
C PRO D 94 -27.73 30.54 12.98
N GLY D 95 -26.54 30.63 13.55
CA GLY D 95 -26.36 31.33 14.80
C GLY D 95 -25.53 32.58 14.60
N ASP D 96 -25.08 33.18 15.69
CA ASP D 96 -24.26 34.38 15.61
C ASP D 96 -22.91 34.07 14.99
N GLY D 97 -22.51 34.88 14.01
CA GLY D 97 -21.24 34.72 13.35
C GLY D 97 -21.31 33.89 12.08
N ASP D 98 -22.47 33.30 11.82
CA ASP D 98 -22.65 32.49 10.61
C ASP D 98 -23.08 33.36 9.43
N LEU D 99 -22.58 33.02 8.25
CA LEU D 99 -22.99 33.68 7.03
C LEU D 99 -24.32 33.11 6.54
N VAL D 100 -25.22 33.99 6.11
CA VAL D 100 -26.54 33.56 5.66
C VAL D 100 -26.93 34.28 4.37
N SER D 101 -27.13 33.52 3.30
CA SER D 101 -27.52 34.11 2.02
C SER D 101 -28.95 34.64 2.11
N ASP D 102 -29.28 35.58 1.22
CA ASP D 102 -30.62 36.14 1.18
C ASP D 102 -31.66 35.07 0.87
N ALA D 103 -31.32 34.17 -0.04
CA ALA D 103 -32.21 33.08 -0.43
C ALA D 103 -32.57 32.21 0.77
N PHE D 104 -31.59 31.97 1.64
CA PHE D 104 -31.83 31.17 2.84
C PHE D 104 -32.77 31.89 3.81
N LYS D 105 -32.59 33.20 3.97
CA LYS D 105 -33.47 33.99 4.84
C LYS D 105 -34.90 33.94 4.35
N ALA D 106 -35.08 33.97 3.03
CA ALA D 106 -36.42 33.99 2.44
C ALA D 106 -37.11 32.62 2.54
N ALA D 107 -36.31 31.56 2.62
CA ALA D 107 -36.85 30.20 2.66
C ALA D 107 -37.60 29.90 3.96
N THR D 108 -38.68 29.14 3.84
CA THR D 108 -39.48 28.71 4.98
C THR D 108 -38.88 27.46 5.62
N PRO D 109 -39.24 27.19 6.88
CA PRO D 109 -38.82 25.96 7.57
C PRO D 109 -39.11 24.70 6.75
N GLU D 110 -40.27 24.67 6.10
CA GLU D 110 -40.65 23.52 5.27
C GLU D 110 -39.68 23.36 4.11
N GLU D 111 -39.36 24.47 3.46
CA GLU D 111 -38.48 24.47 2.29
C GLU D 111 -37.07 24.03 2.67
N LYS D 112 -36.72 24.20 3.95
CA LYS D 112 -35.37 23.91 4.41
C LYS D 112 -35.23 22.49 4.94
N SER D 113 -36.32 21.72 4.89
CA SER D 113 -36.31 20.37 5.43
C SER D 113 -36.59 19.33 4.35
N MSE D 114 -36.40 18.05 4.69
CA MSE D 114 -36.80 16.95 3.83
C MSE D 114 -38.28 17.12 3.48
O MSE D 114 -39.07 17.59 4.32
CB MSE D 114 -36.57 15.61 4.52
CG MSE D 114 -35.10 15.30 4.79
SE MSE D 114 -34.04 15.19 3.15
CE MSE D 114 -34.76 13.50 2.45
N PRO D 115 -38.68 16.70 2.26
CA PRO D 115 -37.88 15.95 1.30
C PRO D 115 -37.06 16.82 0.36
N HIS D 116 -36.85 18.09 0.70
CA HIS D 116 -36.12 18.99 -0.18
C HIS D 116 -34.62 19.02 0.12
N TRP D 117 -33.83 18.54 -0.83
CA TRP D 117 -32.38 18.46 -0.67
C TRP D 117 -31.72 18.11 -1.99
N PHE D 118 -30.39 18.17 -2.01
CA PHE D 118 -29.64 17.76 -3.20
C PHE D 118 -28.29 17.11 -2.88
N ASP D 119 -27.74 16.42 -3.87
CA ASP D 119 -26.44 15.77 -3.75
C ASP D 119 -25.33 16.82 -3.85
N THR D 120 -24.64 17.07 -2.74
CA THR D 120 -23.66 18.17 -2.68
C THR D 120 -22.34 17.87 -3.42
N TRP D 121 -21.61 18.92 -3.75
CA TRP D 121 -20.31 18.76 -4.38
C TRP D 121 -19.44 19.97 -4.08
N ILE D 122 -18.17 19.72 -3.74
CA ILE D 122 -17.25 20.80 -3.43
C ILE D 122 -16.04 20.82 -4.35
N ARG D 123 -15.63 22.01 -4.76
CA ARG D 123 -14.39 22.17 -5.50
C ARG D 123 -13.58 23.35 -4.95
N VAL D 124 -12.27 23.15 -4.84
CA VAL D 124 -11.37 24.20 -4.36
C VAL D 124 -10.36 24.57 -5.45
N GLU D 125 -10.24 25.87 -5.72
CA GLU D 125 -9.34 26.35 -6.76
C GLU D 125 -8.48 27.52 -6.30
N ARG D 126 -7.22 27.51 -6.72
CA ARG D 126 -6.32 28.64 -6.49
C ARG D 126 -6.57 29.71 -7.55
N MSE D 127 -6.77 30.94 -7.11
CA MSE D 127 -6.96 32.05 -8.03
C MSE D 127 -5.63 32.76 -8.28
O MSE D 127 -4.59 32.33 -7.76
CB MSE D 127 -8.01 33.03 -7.51
CG MSE D 127 -9.34 32.39 -7.12
SE MSE D 127 -10.26 31.45 -8.58
CE MSE D 127 -11.04 33.00 -9.49
N SER D 128 -5.66 33.83 -9.05
CA SER D 128 -4.42 34.47 -9.49
C SER D 128 -3.84 35.51 -8.52
N ALA D 129 -4.70 36.12 -7.70
CA ALA D 129 -4.26 37.17 -6.78
C ALA D 129 -3.13 36.71 -5.84
N ILE D 130 -2.13 37.59 -5.68
CA ILE D 130 -1.06 37.35 -4.71
C ILE D 130 -0.82 38.60 -3.86
N MSE D 131 -1.62 39.62 -4.09
CA MSE D 131 -1.66 40.81 -3.24
C MSE D 131 -3.12 41.16 -2.98
O MSE D 131 -3.97 40.98 -3.86
CB MSE D 131 -0.94 41.99 -3.90
CG MSE D 131 0.56 41.78 -4.12
SE MSE D 131 1.63 41.87 -2.49
CE MSE D 131 1.86 43.79 -2.36
N PRO D 132 -3.42 41.66 -1.77
CA PRO D 132 -4.79 42.00 -1.34
C PRO D 132 -5.60 42.82 -2.34
N ASP D 133 -4.98 43.81 -2.99
CA ASP D 133 -5.73 44.68 -3.90
C ASP D 133 -5.90 44.11 -5.31
N GLN D 134 -5.55 42.84 -5.48
CA GLN D 134 -5.75 42.15 -6.75
C GLN D 134 -6.91 41.16 -6.62
N ILE D 135 -7.49 41.09 -5.43
CA ILE D 135 -8.50 40.09 -5.12
C ILE D 135 -9.77 40.23 -5.97
N ALA D 136 -10.35 41.44 -5.98
CA ALA D 136 -11.55 41.67 -6.78
C ALA D 136 -11.30 41.35 -8.24
N LYS D 137 -10.06 41.59 -8.67
CA LYS D 137 -9.65 41.37 -10.05
C LYS D 137 -9.55 39.88 -10.37
N ALA D 138 -8.84 39.15 -9.51
CA ALA D 138 -8.66 37.72 -9.69
C ALA D 138 -9.99 36.95 -9.65
N ALA D 139 -10.94 37.47 -8.88
CA ALA D 139 -12.23 36.81 -8.72
C ALA D 139 -12.98 36.78 -10.06
N LYS D 140 -12.79 37.81 -10.86
CA LYS D 140 -13.40 37.88 -12.18
C LYS D 140 -12.64 37.05 -13.21
N ALA D 141 -11.40 36.68 -12.88
CA ALA D 141 -10.55 35.96 -13.83
C ALA D 141 -10.71 34.45 -13.67
N LYS D 142 -10.25 33.71 -14.66
CA LYS D 142 -10.31 32.25 -14.63
C LYS D 142 -9.40 31.70 -13.54
N PRO D 143 -9.80 30.58 -12.94
CA PRO D 143 -8.96 29.87 -11.96
C PRO D 143 -7.57 29.65 -12.50
N VAL D 144 -6.64 29.25 -11.63
CA VAL D 144 -5.25 29.05 -12.02
C VAL D 144 -4.87 27.59 -11.84
N GLN D 145 -5.44 26.97 -10.82
CA GLN D 145 -5.23 25.54 -10.58
C GLN D 145 -6.37 24.97 -9.75
N LYS D 146 -6.75 23.73 -10.04
CA LYS D 146 -7.76 23.05 -9.23
C LYS D 146 -7.08 22.19 -8.19
N LEU D 147 -7.37 22.46 -6.93
CA LEU D 147 -6.71 21.76 -5.84
C LEU D 147 -7.40 20.44 -5.52
N ASP D 148 -8.73 20.44 -5.48
CA ASP D 148 -9.46 19.22 -5.17
C ASP D 148 -10.94 19.30 -5.54
N ASP D 149 -11.56 18.13 -5.57
CA ASP D 149 -13.00 17.98 -5.73
C ASP D 149 -13.39 16.92 -4.70
N ASP D 150 -14.57 17.07 -4.11
CA ASP D 150 -15.14 15.96 -3.36
C ASP D 150 -16.64 15.84 -3.58
N ASP D 151 -17.09 14.59 -3.67
CA ASP D 151 -18.49 14.28 -3.85
C ASP D 151 -19.08 13.85 -2.52
N ASP D 152 -18.82 12.62 -2.11
CA ASP D 152 -19.46 12.02 -0.94
C ASP D 152 -18.51 11.74 0.22
N GLY D 153 -17.68 12.72 0.57
CA GLY D 153 -16.64 12.49 1.56
C GLY D 153 -16.99 12.65 3.03
N ASP D 154 -18.09 13.30 3.35
CA ASP D 154 -18.38 13.66 4.74
C ASP D 154 -18.55 12.50 5.71
N ASP D 155 -17.89 12.59 6.86
CA ASP D 155 -18.04 11.60 7.92
C ASP D 155 -18.18 12.28 9.28
N THR D 156 -18.42 13.58 9.26
CA THR D 156 -18.59 14.35 10.49
C THR D 156 -20.05 14.40 10.91
N TYR D 157 -20.96 14.44 9.95
CA TYR D 157 -22.37 14.43 10.29
C TYR D 157 -22.97 13.06 9.98
N LYS D 158 -23.58 12.45 10.99
CA LYS D 158 -24.23 11.16 10.81
C LYS D 158 -25.51 11.35 10.00
N GLU D 159 -25.41 11.18 8.69
CA GLU D 159 -26.54 11.41 7.79
C GLU D 159 -27.48 10.20 7.73
N GLU D 160 -28.74 10.42 8.07
CA GLU D 160 -29.72 9.33 8.07
C GLU D 160 -31.02 9.69 7.39
N ARG D 161 -31.10 10.92 6.89
CA ARG D 161 -32.30 11.40 6.20
C ARG D 161 -32.32 10.93 4.75
N HIS D 162 -31.14 10.60 4.24
CA HIS D 162 -30.99 10.13 2.86
C HIS D 162 -29.62 9.49 2.71
N ASN D 163 -29.29 9.07 1.49
CA ASN D 163 -27.98 8.50 1.23
C ASN D 163 -26.87 9.47 1.64
N LYS D 164 -25.76 8.91 2.13
CA LYS D 164 -24.65 9.72 2.60
C LYS D 164 -23.90 10.40 1.47
N TYR D 165 -24.48 11.46 0.93
CA TYR D 165 -23.91 12.15 -0.21
C TYR D 165 -23.29 13.49 0.16
N ASN D 166 -23.13 13.78 1.44
CA ASN D 166 -22.58 15.06 1.83
C ASN D 166 -21.08 15.16 1.55
N SER D 167 -20.60 16.37 1.28
CA SER D 167 -19.22 16.57 0.86
C SER D 167 -18.28 16.98 1.99
N LEU D 168 -17.08 16.42 1.98
CA LEU D 168 -16.02 16.80 2.90
C LEU D 168 -14.66 16.64 2.24
N THR D 169 -13.86 17.71 2.27
CA THR D 169 -12.50 17.62 1.74
C THR D 169 -11.50 18.34 2.65
N ARG D 170 -10.39 17.68 2.93
CA ARG D 170 -9.29 18.28 3.68
C ARG D 170 -8.03 18.38 2.83
N ILE D 171 -7.57 19.61 2.60
CA ILE D 171 -6.39 19.85 1.80
C ILE D 171 -5.17 20.07 2.69
N ILE D 186 9.69 14.72 -7.47
CA ILE D 186 8.40 14.71 -8.14
C ILE D 186 7.24 14.82 -7.13
N ASP D 187 7.00 16.04 -6.64
CA ASP D 187 6.03 16.24 -5.55
C ASP D 187 4.97 17.35 -5.77
N THR D 188 3.97 17.37 -4.90
CA THR D 188 2.68 18.04 -5.11
C THR D 188 2.54 19.52 -4.71
N LYS D 189 1.37 20.07 -5.06
CA LYS D 189 1.09 21.50 -4.95
C LYS D 189 -0.22 21.78 -4.22
N LYS D 190 -0.76 20.79 -3.52
CA LYS D 190 -1.81 21.12 -2.56
C LYS D 190 -1.13 21.79 -1.39
N LEU D 191 -0.61 22.98 -1.67
CA LEU D 191 0.06 23.80 -0.68
C LEU D 191 -0.72 25.08 -0.59
N LEU D 192 -1.09 25.46 0.62
CA LEU D 192 -1.89 26.64 0.83
C LEU D 192 -0.99 27.82 1.19
N VAL D 193 -0.17 28.19 0.21
CA VAL D 193 0.73 29.33 0.37
C VAL D 193 -0.05 30.61 0.12
N ARG D 194 0.61 31.74 0.36
CA ARG D 194 -0.02 33.05 0.18
C ARG D 194 -0.82 33.12 -1.11
N GLY D 195 -2.04 33.63 -1.02
CA GLY D 195 -2.87 33.83 -2.19
C GLY D 195 -4.36 33.69 -2.00
N LEU D 196 -5.09 33.95 -3.07
CA LEU D 196 -6.55 33.87 -3.07
C LEU D 196 -7.02 32.49 -3.48
N TYR D 197 -7.98 31.95 -2.75
CA TYR D 197 -8.59 30.67 -3.08
C TYR D 197 -10.09 30.81 -3.21
N ARG D 198 -10.67 30.10 -4.16
CA ARG D 198 -12.12 30.08 -4.30
C ARG D 198 -12.66 28.71 -4.00
N ILE D 199 -13.66 28.65 -3.14
CA ILE D 199 -14.33 27.40 -2.84
C ILE D 199 -15.70 27.40 -3.51
N SER D 200 -15.93 26.41 -4.35
CA SER D 200 -17.18 26.29 -5.08
C SER D 200 -18.09 25.28 -4.40
N PHE D 201 -19.18 25.77 -3.83
CA PHE D 201 -20.18 24.89 -3.27
C PHE D 201 -21.23 24.63 -4.35
N THR D 202 -21.26 23.39 -4.81
CA THR D 202 -22.01 23.05 -6.00
C THR D 202 -22.72 21.70 -5.83
N THR D 203 -23.15 21.13 -6.95
CA THR D 203 -24.01 19.96 -6.92
C THR D 203 -23.41 18.83 -7.75
N TYR D 204 -23.70 17.59 -7.35
CA TYR D 204 -23.33 16.43 -8.15
C TYR D 204 -24.07 16.45 -9.47
N LYS D 205 -25.35 16.79 -9.40
CA LYS D 205 -26.23 16.75 -10.56
C LYS D 205 -26.21 18.06 -11.35
N PRO D 206 -26.08 17.96 -12.67
CA PRO D 206 -26.14 19.14 -13.54
C PRO D 206 -27.57 19.67 -13.59
N GLY D 207 -27.73 20.95 -13.89
CA GLY D 207 -29.05 21.53 -14.08
C GLY D 207 -29.74 21.95 -12.80
N GLU D 208 -31.06 22.04 -12.87
CA GLU D 208 -31.85 22.56 -11.75
C GLU D 208 -31.89 21.63 -10.54
N VAL D 209 -31.75 22.24 -9.37
CA VAL D 209 -31.75 21.52 -8.11
C VAL D 209 -32.47 22.38 -7.07
N LYS D 210 -32.92 21.78 -5.98
CA LYS D 210 -33.69 22.52 -5.00
C LYS D 210 -33.35 22.07 -3.58
N GLY D 211 -33.09 23.02 -2.70
CA GLY D 211 -32.81 22.69 -1.31
C GLY D 211 -31.84 23.60 -0.58
N SER D 212 -31.87 23.51 0.74
CA SER D 212 -30.99 24.28 1.59
C SER D 212 -29.66 23.57 1.74
N PHE D 213 -28.63 24.29 2.16
CA PHE D 213 -27.34 23.68 2.45
C PHE D 213 -26.53 24.51 3.45
N VAL D 214 -25.71 23.82 4.23
CA VAL D 214 -24.78 24.49 5.12
C VAL D 214 -23.33 24.14 4.76
N ALA D 215 -22.53 25.16 4.53
CA ALA D 215 -21.13 24.99 4.17
C ALA D 215 -20.22 25.38 5.34
N SER D 216 -19.16 24.62 5.54
CA SER D 216 -18.22 24.93 6.60
C SER D 216 -16.79 24.99 6.06
N VAL D 217 -16.06 26.01 6.49
CA VAL D 217 -14.67 26.15 6.12
C VAL D 217 -13.82 26.30 7.36
N GLY D 218 -12.79 25.47 7.47
CA GLY D 218 -11.85 25.57 8.56
C GLY D 218 -10.44 25.77 8.06
N LEU D 219 -9.70 26.62 8.76
CA LEU D 219 -8.31 26.90 8.43
C LEU D 219 -7.44 26.69 9.67
N LEU D 220 -6.41 25.85 9.52
CA LEU D 220 -5.53 25.53 10.63
C LEU D 220 -4.47 26.61 10.84
N PHE D 221 -4.88 27.71 11.46
CA PHE D 221 -3.99 28.84 11.69
C PHE D 221 -4.60 29.78 12.71
N PRO D 222 -3.77 30.32 13.61
CA PRO D 222 -4.23 31.28 14.63
C PRO D 222 -5.03 32.42 14.03
N PRO D 223 -6.23 32.67 14.58
CA PRO D 223 -7.13 33.72 14.09
C PRO D 223 -6.79 35.09 14.65
N GLY D 224 -7.31 36.14 14.02
CA GLY D 224 -7.26 37.47 14.58
C GLY D 224 -5.91 38.17 14.66
N ILE D 225 -4.99 37.83 13.76
CA ILE D 225 -3.73 38.56 13.65
C ILE D 225 -3.67 39.28 12.33
N PRO D 226 -4.06 40.57 12.32
CA PRO D 226 -4.24 41.36 11.10
C PRO D 226 -3.06 41.26 10.14
N GLY D 227 -3.33 40.90 8.90
CA GLY D 227 -2.29 40.78 7.88
C GLY D 227 -1.57 39.45 7.92
N VAL D 228 -1.85 38.65 8.94
CA VAL D 228 -1.19 37.35 9.09
C VAL D 228 -2.21 36.21 9.04
N SER D 229 -3.35 36.41 9.71
CA SER D 229 -4.42 35.42 9.75
C SER D 229 -5.26 35.47 8.48
N PRO D 230 -5.76 34.30 8.04
CA PRO D 230 -6.58 34.21 6.82
C PRO D 230 -7.88 34.98 6.95
N LEU D 231 -8.40 35.45 5.83
CA LEU D 231 -9.72 36.09 5.80
C LEU D 231 -10.65 35.31 4.87
N ILE D 232 -11.94 35.30 5.20
CA ILE D 232 -12.94 34.60 4.40
C ILE D 232 -14.14 35.51 4.15
N HIS D 233 -14.68 35.44 2.94
CA HIS D 233 -15.88 36.21 2.60
C HIS D 233 -16.49 35.74 1.28
N SER D 234 -17.81 35.86 1.18
CA SER D 234 -18.53 35.43 -0.02
C SER D 234 -18.49 36.47 -1.12
N ASN D 235 -18.22 37.72 -0.74
CA ASN D 235 -18.07 38.81 -1.69
C ASN D 235 -16.61 39.24 -1.85
N PRO D 236 -16.05 39.07 -3.05
CA PRO D 236 -14.63 39.33 -3.30
C PRO D 236 -14.24 40.78 -3.03
N GLU D 237 -15.10 41.73 -3.42
CA GLU D 237 -14.81 43.13 -3.17
C GLU D 237 -14.67 43.39 -1.68
N GLU D 238 -15.59 42.86 -0.90
CA GLU D 238 -15.55 43.01 0.55
C GLU D 238 -14.28 42.37 1.11
N LEU D 239 -13.98 41.16 0.66
CA LEU D 239 -12.78 40.46 1.08
C LEU D 239 -11.54 41.32 0.82
N GLN D 240 -11.51 42.00 -0.32
CA GLN D 240 -10.39 42.86 -0.67
C GLN D 240 -10.26 44.02 0.31
N LYS D 241 -11.36 44.72 0.53
CA LYS D 241 -11.40 45.84 1.47
C LYS D 241 -10.81 45.46 2.82
N GLN D 242 -11.21 44.30 3.33
CA GLN D 242 -10.73 43.81 4.62
C GLN D 242 -9.27 43.38 4.56
N ALA D 243 -8.91 42.62 3.52
CA ALA D 243 -7.55 42.14 3.35
C ALA D 243 -6.57 43.30 3.28
N ILE D 244 -6.98 44.36 2.60
CA ILE D 244 -6.17 45.56 2.45
C ILE D 244 -5.97 46.26 3.79
N ALA D 245 -7.08 46.58 4.45
CA ALA D 245 -7.04 47.22 5.76
C ALA D 245 -6.19 46.43 6.75
N ALA D 246 -6.31 45.11 6.69
CA ALA D 246 -5.57 44.23 7.60
C ALA D 246 -4.05 44.36 7.43
N GLU D 247 -3.58 44.45 6.19
CA GLU D 247 -2.15 44.59 5.95
C GLU D 247 -1.69 46.02 6.24
N GLU D 248 -2.59 46.98 6.05
CA GLU D 248 -2.31 48.37 6.38
C GLU D 248 -2.09 48.45 7.89
N SER D 249 -2.91 47.71 8.63
CA SER D 249 -2.78 47.63 10.07
C SER D 249 -1.44 47.01 10.45
N LEU D 250 -1.03 46.00 9.68
CA LEU D 250 0.23 45.31 9.92
C LEU D 250 1.41 46.23 9.60
N LYS D 251 1.31 46.94 8.48
CA LYS D 251 2.30 47.94 8.10
C LYS D 251 2.51 48.89 9.27
N LYS D 252 1.42 49.52 9.67
CA LYS D 252 1.41 50.56 10.70
C LYS D 252 2.08 50.05 11.98
N ALA D 253 1.71 48.86 12.41
CA ALA D 253 2.27 48.28 13.62
C ALA D 253 3.77 48.08 13.49
N ALA D 254 4.23 47.80 12.26
CA ALA D 254 5.64 47.52 12.02
C ALA D 254 6.48 48.78 11.82
N SER D 255 5.87 49.95 11.97
CA SER D 255 6.60 51.21 11.86
C SER D 255 6.17 52.20 12.93
N ARG E 2 24.10 56.67 6.68
CA ARG E 2 24.25 57.11 8.07
C ARG E 2 25.44 56.45 8.75
N TRP E 3 25.65 55.16 8.49
CA TRP E 3 26.83 54.48 9.03
C TRP E 3 28.05 54.81 8.18
N ILE E 4 29.22 54.86 8.82
CA ILE E 4 30.46 55.20 8.16
C ILE E 4 31.48 54.09 8.36
N ARG E 5 32.37 53.90 7.39
CA ARG E 5 33.31 52.79 7.41
C ARG E 5 34.72 53.24 7.78
N PRO E 6 35.36 52.56 8.75
CA PRO E 6 34.91 51.37 9.50
C PRO E 6 33.85 51.67 10.58
N ARG E 7 33.20 50.62 11.06
CA ARG E 7 32.12 50.74 12.06
C ARG E 7 32.60 50.70 13.51
N GLY E 8 33.72 50.03 13.74
CA GLY E 8 34.36 50.03 15.05
C GLY E 8 33.59 49.47 16.25
N ALA E 9 32.65 48.56 15.99
CA ALA E 9 32.02 47.78 17.07
C ALA E 9 30.96 48.51 17.91
N PHE E 10 29.95 49.09 17.27
CA PHE E 10 28.94 49.87 18.00
C PHE E 10 27.50 49.36 17.82
N GLY E 11 26.78 49.23 18.93
CA GLY E 11 25.37 48.88 18.88
C GLY E 11 25.12 47.39 18.79
N GLY E 12 25.56 46.67 19.81
CA GLY E 12 25.41 45.23 19.94
C GLY E 12 25.01 44.37 18.75
N LEU E 13 24.28 43.31 19.05
CA LEU E 13 23.89 42.33 18.05
C LEU E 13 22.70 42.82 17.23
N PRO E 14 22.89 42.92 15.90
CA PRO E 14 21.81 43.32 14.99
C PRO E 14 20.66 42.31 15.03
N SER E 15 19.43 42.81 14.92
CA SER E 15 18.27 41.94 14.91
C SER E 15 18.30 40.99 13.72
N LEU E 16 17.83 39.76 13.93
CA LEU E 16 17.67 38.81 12.85
C LEU E 16 16.24 38.94 12.35
N LYS E 17 16.09 39.42 11.12
CA LYS E 17 14.75 39.62 10.56
C LYS E 17 14.49 38.67 9.41
N SER E 18 13.21 38.46 9.10
CA SER E 18 12.82 37.61 7.98
C SER E 18 13.13 38.32 6.67
N SER E 19 13.05 37.57 5.56
CA SER E 19 13.31 38.13 4.24
C SER E 19 12.04 38.76 3.68
N PHE E 20 11.05 38.94 4.53
CA PHE E 20 9.73 39.39 4.08
C PHE E 20 9.55 40.90 4.10
N VAL E 21 9.57 41.51 2.94
CA VAL E 21 9.52 42.97 2.83
C VAL E 21 8.12 43.54 3.07
N LEU E 22 8.01 44.43 4.05
CA LEU E 22 6.75 45.09 4.37
C LEU E 22 6.64 46.42 3.68
N SER E 23 7.75 47.16 3.69
CA SER E 23 7.78 48.49 3.12
C SER E 23 9.06 48.69 2.35
N GLU E 24 9.00 49.58 1.37
CA GLU E 24 10.15 49.89 0.54
C GLU E 24 9.91 51.26 -0.04
N SER E 25 10.96 52.06 -0.08
CA SER E 25 10.83 53.41 -0.56
C SER E 25 12.15 53.85 -1.07
N THR E 26 12.18 55.06 -1.61
CA THR E 26 13.38 55.56 -2.22
C THR E 26 13.92 56.73 -1.43
N VAL E 27 15.16 57.05 -1.78
CA VAL E 27 15.80 58.30 -1.50
C VAL E 27 16.26 58.79 -2.88
N PRO E 28 15.57 59.81 -3.37
CA PRO E 28 15.89 60.50 -4.63
C PRO E 28 17.35 60.95 -4.76
N GLY E 29 17.89 60.83 -5.97
CA GLY E 29 19.23 61.28 -6.27
C GLY E 29 20.34 60.49 -5.59
N THR E 30 20.04 59.24 -5.24
CA THR E 30 21.01 58.34 -4.65
C THR E 30 20.79 56.98 -5.30
N ASN E 31 21.65 56.02 -4.98
CA ASN E 31 21.42 54.65 -5.42
C ASN E 31 20.59 53.86 -4.40
N GLU E 32 20.29 54.51 -3.28
CA GLU E 32 19.69 53.89 -2.09
C GLU E 32 18.17 53.81 -2.05
N THR E 33 17.68 52.74 -1.41
CA THR E 33 16.27 52.60 -1.08
C THR E 33 16.14 52.01 0.33
N VAL E 34 14.97 52.18 0.95
CA VAL E 34 14.78 51.76 2.34
C VAL E 34 13.82 50.59 2.47
N LYS E 35 14.24 49.57 3.22
CA LYS E 35 13.40 48.39 3.37
C LYS E 35 13.07 48.06 4.81
N THR E 36 11.78 47.88 5.06
CA THR E 36 11.28 47.46 6.35
C THR E 36 10.93 45.99 6.26
N PHE E 37 11.58 45.17 7.08
CA PHE E 37 11.35 43.73 7.05
C PHE E 37 10.45 43.29 8.19
N LEU E 38 9.64 42.28 7.92
CA LEU E 38 8.83 41.66 8.95
C LEU E 38 9.75 40.86 9.88
N PRO E 39 9.71 41.17 11.18
CA PRO E 39 10.52 40.40 12.14
C PRO E 39 9.98 38.99 12.25
N TYR E 40 10.80 38.08 12.76
CA TYR E 40 10.32 36.74 13.06
C TYR E 40 9.40 36.81 14.27
N GLY E 41 8.49 35.85 14.39
CA GLY E 41 7.60 35.81 15.54
C GLY E 41 8.40 35.61 16.80
N SER E 42 9.40 34.74 16.71
CA SER E 42 10.30 34.47 17.83
C SER E 42 11.74 34.43 17.36
N VAL E 43 12.63 35.04 18.13
CA VAL E 43 14.05 34.95 17.87
C VAL E 43 14.80 34.54 19.13
N ILE E 44 15.67 33.54 19.00
CA ILE E 44 16.48 33.11 20.13
C ILE E 44 17.97 33.27 19.81
N ASN E 45 18.71 33.81 20.77
CA ASN E 45 20.15 33.95 20.62
C ASN E 45 20.87 32.98 21.55
N TYR E 46 21.94 32.38 21.05
CA TYR E 46 22.65 31.36 21.79
C TYR E 46 24.14 31.70 21.81
N TYR E 47 24.70 31.88 23.01
CA TYR E 47 26.10 32.22 23.17
C TYR E 47 26.92 30.99 23.55
N GLY E 48 27.90 30.65 22.72
CA GLY E 48 28.73 29.50 22.98
C GLY E 48 30.22 29.81 22.94
N TYR E 49 31.04 28.85 23.34
CA TYR E 49 32.49 29.01 23.29
C TYR E 49 33.19 27.68 23.00
N VAL E 50 33.93 27.64 21.89
CA VAL E 50 34.65 26.43 21.51
C VAL E 50 36.06 26.43 22.09
N LYS E 51 36.28 25.54 23.06
CA LYS E 51 37.57 25.43 23.73
C LYS E 51 38.28 24.17 23.28
N PRO E 52 39.52 24.30 22.78
CA PRO E 52 40.25 23.12 22.32
C PRO E 52 40.36 22.08 23.43
N GLY E 53 40.08 20.82 23.10
CA GLY E 53 40.16 19.75 24.06
C GLY E 53 38.91 19.59 24.90
N GLN E 54 37.85 20.31 24.52
CA GLN E 54 36.56 20.16 25.19
C GLN E 54 35.53 19.57 24.22
N ALA E 55 34.85 18.52 24.67
CA ALA E 55 33.91 17.80 23.83
C ALA E 55 32.75 18.67 23.37
N PRO E 56 32.40 18.56 22.08
CA PRO E 56 31.26 19.29 21.50
C PRO E 56 29.98 18.51 21.73
N ASP E 57 28.86 19.01 21.21
CA ASP E 57 27.61 18.25 21.25
C ASP E 57 27.71 17.06 20.32
N GLY E 58 28.46 17.21 19.23
CA GLY E 58 28.62 16.16 18.26
C GLY E 58 29.61 16.54 17.17
N LEU E 59 29.65 15.75 16.11
CA LEU E 59 30.55 16.03 15.00
C LEU E 59 29.76 16.10 13.70
N VAL E 60 30.20 16.98 12.80
CA VAL E 60 29.62 17.07 11.47
C VAL E 60 30.61 16.49 10.47
N ASP E 61 30.12 15.60 9.60
CA ASP E 61 30.98 14.92 8.64
C ASP E 61 32.15 14.23 9.31
N GLY E 62 32.00 13.91 10.59
CA GLY E 62 32.99 13.13 11.31
C GLY E 62 34.13 13.90 11.96
N ASN E 63 34.40 15.11 11.50
CA ASN E 63 35.57 15.83 11.98
C ASN E 63 35.39 17.31 12.36
N LYS E 64 34.19 17.83 12.18
CA LYS E 64 33.90 19.21 12.56
C LYS E 64 33.14 19.26 13.87
N LYS E 65 33.66 20.01 14.85
CA LYS E 65 32.96 20.20 16.11
C LYS E 65 31.62 20.89 15.88
N ALA E 66 30.57 20.39 16.52
CA ALA E 66 29.23 20.92 16.30
C ALA E 66 28.46 21.12 17.61
N TYR E 67 27.59 22.14 17.62
CA TYR E 67 26.74 22.41 18.77
C TYR E 67 25.30 22.59 18.31
N TYR E 68 24.38 21.92 19.01
CA TYR E 68 23.02 21.78 18.51
C TYR E 68 21.99 22.68 19.17
N LEU E 69 21.04 23.14 18.34
CA LEU E 69 19.79 23.68 18.83
C LEU E 69 18.68 22.87 18.19
N TYR E 70 17.72 22.43 19.00
CA TYR E 70 16.61 21.65 18.49
C TYR E 70 15.36 22.52 18.38
N VAL E 71 14.66 22.38 17.26
CA VAL E 71 13.44 23.13 17.01
C VAL E 71 12.26 22.18 16.81
N TRP E 72 11.24 22.30 17.65
CA TRP E 72 10.00 21.56 17.45
C TRP E 72 8.96 22.46 16.79
N ILE E 73 8.47 22.03 15.63
CA ILE E 73 7.46 22.78 14.89
C ILE E 73 6.13 22.02 14.84
N PRO E 74 5.14 22.50 15.60
CA PRO E 74 3.82 21.86 15.65
C PRO E 74 3.09 21.86 14.30
N ALA E 75 3.23 22.94 13.53
CA ALA E 75 2.54 23.07 12.25
C ALA E 75 3.30 23.98 11.28
N VAL E 76 3.13 23.72 10.00
CA VAL E 76 3.92 24.39 8.95
C VAL E 76 4.26 25.85 9.25
N ILE E 77 5.50 26.21 8.90
CA ILE E 77 6.01 27.55 9.08
C ILE E 77 6.54 28.10 7.76
N ALA E 78 6.41 29.40 7.55
CA ALA E 78 6.82 30.01 6.30
C ALA E 78 8.34 30.04 6.11
N GLU E 79 9.05 30.49 7.14
CA GLU E 79 10.49 30.72 7.01
C GLU E 79 11.23 30.52 8.33
N MSE E 80 12.44 29.97 8.24
CA MSE E 80 13.34 29.88 9.38
C MSE E 80 14.64 30.60 9.04
O MSE E 80 15.19 30.43 7.96
CB MSE E 80 13.62 28.41 9.76
CG MSE E 80 14.59 28.26 10.93
SE MSE E 80 15.14 26.42 11.28
CE MSE E 80 13.43 25.65 11.81
N GLY E 81 15.11 31.43 9.97
CA GLY E 81 16.36 32.15 9.78
C GLY E 81 17.42 31.67 10.76
N VAL E 82 18.60 31.35 10.26
CA VAL E 82 19.69 30.91 11.11
C VAL E 82 20.96 31.71 10.84
N ARG E 83 21.60 32.17 11.91
CA ARG E 83 22.80 33.00 11.79
C ARG E 83 23.84 32.59 12.82
N MSE E 84 25.12 32.73 12.46
CA MSE E 84 26.20 32.39 13.36
C MSE E 84 27.40 33.34 13.16
O MSE E 84 27.91 33.49 12.05
CB MSE E 84 26.62 30.93 13.16
CG MSE E 84 27.47 30.37 14.30
SE MSE E 84 28.24 28.64 13.87
CE MSE E 84 29.27 28.34 15.49
N ILE E 85 27.83 33.98 14.24
CA ILE E 85 28.93 34.94 14.19
C ILE E 85 30.01 34.61 15.20
N SER E 86 31.26 34.85 14.81
CA SER E 86 32.40 34.66 15.70
C SER E 86 33.45 35.74 15.42
N PRO E 87 34.01 36.37 16.46
CA PRO E 87 33.76 36.17 17.90
C PRO E 87 32.65 37.09 18.39
N THR E 88 32.44 37.15 19.70
CA THR E 88 31.33 37.91 20.26
C THR E 88 31.76 39.12 21.06
N GLY E 89 33.00 39.10 21.54
CA GLY E 89 33.50 40.14 22.43
C GLY E 89 33.18 41.56 22.02
N GLU E 90 33.55 41.91 20.78
CA GLU E 90 33.40 43.28 20.30
C GLU E 90 31.94 43.63 19.99
N ILE E 91 31.06 42.65 20.05
CA ILE E 91 29.65 42.87 19.73
C ILE E 91 28.83 43.13 20.99
N GLY E 92 28.96 42.26 21.99
CA GLY E 92 28.24 42.43 23.24
C GLY E 92 28.12 41.15 24.03
N GLU E 93 27.54 41.26 25.23
CA GLU E 93 27.34 40.10 26.10
C GLU E 93 25.88 39.65 26.05
N PRO E 94 25.63 38.40 26.47
CA PRO E 94 24.25 37.89 26.50
C PRO E 94 23.37 38.76 27.38
N GLY E 95 22.11 38.92 27.00
CA GLY E 95 21.15 39.64 27.82
C GLY E 95 20.11 38.70 28.37
N ASP E 96 19.01 39.25 28.86
CA ASP E 96 17.91 38.45 29.37
C ASP E 96 17.22 37.71 28.24
N GLY E 97 17.01 36.41 28.42
CA GLY E 97 16.31 35.60 27.44
C GLY E 97 17.23 34.88 26.49
N ASP E 98 18.52 35.20 26.56
CA ASP E 98 19.49 34.54 25.70
C ASP E 98 19.98 33.24 26.32
N LEU E 99 20.23 32.25 25.47
CA LEU E 99 20.84 31.00 25.92
C LEU E 99 22.35 31.17 26.01
N VAL E 100 22.93 30.69 27.10
CA VAL E 100 24.36 30.80 27.32
C VAL E 100 24.94 29.46 27.77
N SER E 101 25.92 28.95 27.01
CA SER E 101 26.55 27.68 27.37
C SER E 101 27.47 27.88 28.56
N ASP E 102 27.79 26.78 29.25
CA ASP E 102 28.68 26.82 30.41
C ASP E 102 30.08 27.27 30.00
N ALA E 103 30.53 26.78 28.85
CA ALA E 103 31.83 27.16 28.32
C ALA E 103 31.92 28.67 28.12
N PHE E 104 30.83 29.28 27.67
CA PHE E 104 30.81 30.72 27.43
C PHE E 104 30.88 31.50 28.74
N LYS E 105 30.20 30.99 29.77
CA LYS E 105 30.22 31.63 31.08
C LYS E 105 31.62 31.61 31.69
N ALA E 106 32.33 30.51 31.47
CA ALA E 106 33.67 30.32 32.01
C ALA E 106 34.70 31.20 31.29
N ALA E 107 34.42 31.52 30.04
CA ALA E 107 35.38 32.26 29.21
C ALA E 107 35.57 33.71 29.68
N THR E 108 36.77 34.22 29.51
CA THR E 108 37.10 35.59 29.91
C THR E 108 36.88 36.55 28.76
N PRO E 109 36.69 37.84 29.07
CA PRO E 109 36.52 38.88 28.03
C PRO E 109 37.60 38.78 26.97
N GLU E 110 38.83 38.47 27.39
CA GLU E 110 39.95 38.39 26.46
C GLU E 110 39.78 37.20 25.53
N GLU E 111 39.30 36.09 26.08
CA GLU E 111 39.10 34.87 25.30
C GLU E 111 37.95 35.01 24.31
N LYS E 112 37.05 35.95 24.57
CA LYS E 112 35.87 36.12 23.74
C LYS E 112 36.06 37.16 22.65
N SER E 113 37.26 37.74 22.58
CA SER E 113 37.54 38.79 21.61
C SER E 113 38.65 38.39 20.65
N MSE E 114 38.84 39.21 19.62
CA MSE E 114 39.97 39.04 18.72
C MSE E 114 41.24 39.00 19.55
O MSE E 114 41.33 39.66 20.59
CB MSE E 114 40.02 40.19 17.70
CG MSE E 114 38.85 40.18 16.73
SE MSE E 114 38.75 38.47 15.78
CE MSE E 114 40.13 38.81 14.45
N PRO E 115 42.25 38.23 19.10
CA PRO E 115 42.31 37.55 17.82
C PRO E 115 41.72 36.14 17.84
N HIS E 116 40.90 35.83 18.84
CA HIS E 116 40.36 34.48 18.97
C HIS E 116 38.98 34.36 18.32
N TRP E 117 38.91 33.54 17.27
CA TRP E 117 37.68 33.36 16.50
C TRP E 117 37.86 32.20 15.55
N PHE E 118 36.79 31.82 14.87
CA PHE E 118 36.88 30.78 13.86
C PHE E 118 35.89 30.98 12.73
N ASP E 119 36.10 30.27 11.63
CA ASP E 119 35.27 30.37 10.45
C ASP E 119 34.00 29.54 10.64
N THR E 120 32.87 30.23 10.81
CA THR E 120 31.61 29.56 11.18
C THR E 120 30.97 28.73 10.06
N TRP E 121 30.10 27.81 10.44
CA TRP E 121 29.38 27.00 9.46
C TRP E 121 28.06 26.51 10.05
N ILE E 122 26.99 26.61 9.27
CA ILE E 122 25.67 26.20 9.74
C ILE E 122 25.07 25.09 8.88
N ARG E 123 24.48 24.09 9.54
CA ARG E 123 23.74 23.05 8.83
C ARG E 123 22.38 22.84 9.50
N VAL E 124 21.35 22.67 8.67
CA VAL E 124 20.01 22.41 9.17
C VAL E 124 19.52 21.05 8.67
N GLU E 125 19.06 20.21 9.60
CA GLU E 125 18.57 18.88 9.25
C GLU E 125 17.19 18.59 9.83
N ARG E 126 16.40 17.84 9.07
CA ARG E 126 15.13 17.32 9.56
C ARG E 126 15.40 16.01 10.31
N MSE E 127 14.88 15.90 11.53
CA MSE E 127 15.03 14.65 12.28
C MSE E 127 13.77 13.81 12.11
O MSE E 127 12.89 14.15 11.32
CB MSE E 127 15.37 14.93 13.75
CG MSE E 127 16.54 15.88 13.97
SE MSE E 127 18.26 15.26 13.28
CE MSE E 127 18.81 14.09 14.75
N SER E 128 13.69 12.69 12.83
CA SER E 128 12.62 11.71 12.58
C SER E 128 11.33 11.95 13.36
N ALA E 129 11.44 12.56 14.53
CA ALA E 129 10.27 12.81 15.39
C ALA E 129 9.14 13.53 14.67
N ILE E 130 7.91 13.09 14.92
CA ILE E 130 6.71 13.74 14.39
C ILE E 130 5.70 13.92 15.52
N MSE E 131 6.10 13.48 16.71
CA MSE E 131 5.30 13.62 17.93
C MSE E 131 6.21 14.07 19.06
O MSE E 131 7.32 13.58 19.19
CB MSE E 131 4.65 12.28 18.30
CG MSE E 131 3.56 11.86 17.34
SE MSE E 131 2.05 13.11 17.37
CE MSE E 131 0.90 12.16 18.62
N PRO E 132 5.72 15.02 19.89
CA PRO E 132 6.49 15.57 21.01
C PRO E 132 7.27 14.55 21.85
N ASP E 133 6.69 13.37 22.13
CA ASP E 133 7.37 12.43 23.01
C ASP E 133 8.38 11.52 22.30
N GLN E 134 8.60 11.77 21.00
CA GLN E 134 9.60 11.04 20.23
C GLN E 134 10.87 11.86 20.07
N ILE E 135 10.86 13.06 20.65
CA ILE E 135 11.92 14.04 20.44
C ILE E 135 13.28 13.61 21.02
N ALA E 136 13.29 13.19 22.28
CA ALA E 136 14.53 12.74 22.90
C ALA E 136 15.09 11.55 22.14
N LYS E 137 14.18 10.78 21.56
CA LYS E 137 14.53 9.58 20.81
C LYS E 137 15.17 9.97 19.47
N ALA E 138 14.46 10.77 18.70
CA ALA E 138 14.92 11.18 17.37
C ALA E 138 16.26 11.91 17.41
N ALA E 139 16.51 12.62 18.51
CA ALA E 139 17.77 13.34 18.69
C ALA E 139 18.95 12.38 18.73
N LYS E 140 18.73 11.18 19.25
CA LYS E 140 19.78 10.17 19.33
C LYS E 140 19.94 9.45 18.00
N ALA E 141 18.91 9.54 17.16
CA ALA E 141 18.92 8.86 15.87
C ALA E 141 19.58 9.71 14.78
N LYS E 142 19.89 9.06 13.66
CA LYS E 142 20.49 9.76 12.53
C LYS E 142 19.46 10.68 11.88
N PRO E 143 19.94 11.81 11.33
CA PRO E 143 19.10 12.74 10.56
C PRO E 143 18.31 11.97 9.51
N VAL E 144 17.26 12.60 8.97
CA VAL E 144 16.45 12.01 7.89
C VAL E 144 16.61 12.76 6.56
N GLN E 145 16.91 14.06 6.64
CA GLN E 145 17.16 14.90 5.47
C GLN E 145 17.95 16.15 5.83
N LYS E 146 18.90 16.52 4.98
CA LYS E 146 19.62 17.77 5.15
C LYS E 146 18.94 18.87 4.34
N LEU E 147 18.53 19.92 5.03
CA LEU E 147 17.79 21.00 4.40
C LEU E 147 18.71 22.03 3.77
N ASP E 148 19.78 22.38 4.48
CA ASP E 148 20.71 23.37 3.96
C ASP E 148 22.05 23.43 4.70
N ASP E 149 23.02 24.04 4.03
CA ASP E 149 24.33 24.33 4.59
C ASP E 149 24.66 25.77 4.22
N ASP E 150 25.24 26.52 5.15
CA ASP E 150 25.82 27.81 4.76
C ASP E 150 27.17 28.06 5.39
N ASP E 151 28.06 28.60 4.57
CA ASP E 151 29.40 28.96 4.98
C ASP E 151 29.45 30.46 5.29
N ASP E 152 29.50 31.28 4.24
CA ASP E 152 29.80 32.70 4.40
C ASP E 152 28.65 33.64 4.03
N GLY E 153 27.43 33.32 4.45
CA GLY E 153 26.27 34.02 3.95
C GLY E 153 25.82 35.29 4.68
N ASP E 154 26.35 35.53 5.87
CA ASP E 154 25.81 36.62 6.68
C ASP E 154 26.03 38.01 6.09
N ASP E 155 24.96 38.80 6.09
CA ASP E 155 25.01 40.18 5.63
C ASP E 155 24.28 41.11 6.60
N THR E 156 23.91 40.59 7.76
CA THR E 156 23.21 41.37 8.78
C THR E 156 24.19 42.11 9.69
N TYR E 157 25.33 41.48 9.95
CA TYR E 157 26.34 42.11 10.79
C TYR E 157 27.54 42.55 9.95
N LYS E 158 27.83 43.85 9.99
CA LYS E 158 28.94 44.41 9.23
C LYS E 158 30.27 43.95 9.86
N GLU E 159 30.83 42.89 9.32
CA GLU E 159 32.04 42.29 9.88
C GLU E 159 33.29 42.96 9.35
N GLU E 160 34.09 43.53 10.26
CA GLU E 160 35.30 44.23 9.87
C GLU E 160 36.52 43.79 10.69
N ARG E 161 36.31 42.89 11.64
CA ARG E 161 37.39 42.38 12.47
C ARG E 161 38.20 41.30 11.74
N HIS E 162 37.60 40.74 10.69
CA HIS E 162 38.26 39.73 9.88
C HIS E 162 37.46 39.54 8.60
N ASN E 163 37.88 38.59 7.77
CA ASN E 163 37.14 38.28 6.55
C ASN E 163 35.68 37.97 6.86
N LYS E 164 34.79 38.27 5.91
CA LYS E 164 33.37 38.07 6.13
C LYS E 164 32.98 36.59 6.02
N TYR E 165 33.28 35.83 7.07
CA TYR E 165 33.06 34.39 7.07
C TYR E 165 31.89 33.96 7.96
N ASN E 166 31.09 34.91 8.43
CA ASN E 166 29.96 34.54 9.28
C ASN E 166 28.83 33.91 8.47
N SER E 167 28.07 33.04 9.12
CA SER E 167 27.06 32.24 8.43
C SER E 167 25.66 32.82 8.56
N LEU E 168 24.90 32.69 7.48
CA LEU E 168 23.49 33.08 7.48
C LEU E 168 22.72 32.26 6.46
N THR E 169 21.64 31.63 6.91
CA THR E 169 20.78 30.90 6.00
C THR E 169 19.31 31.12 6.31
N ARG E 170 18.53 31.30 5.25
CA ARG E 170 17.08 31.39 5.36
C ARG E 170 16.41 30.30 4.54
N ILE E 171 15.69 29.42 5.23
CA ILE E 171 14.93 28.34 4.61
C ILE E 171 13.48 28.77 4.49
N LYS E 172 12.98 28.90 3.26
CA LYS E 172 11.64 29.45 3.08
C LYS E 172 10.98 29.04 1.77
N ILE E 173 9.69 29.37 1.65
CA ILE E 173 8.92 29.07 0.46
C ILE E 173 8.86 30.32 -0.43
N PRO E 174 9.07 30.14 -1.75
CA PRO E 174 9.04 31.24 -2.72
C PRO E 174 7.84 32.16 -2.48
N ASN E 175 8.05 33.47 -2.57
CA ASN E 175 7.02 34.43 -2.19
C ASN E 175 7.35 35.87 -2.59
N PRO E 176 6.89 36.31 -3.77
CA PRO E 176 6.08 35.56 -4.75
C PRO E 176 6.88 34.51 -5.50
N PRO E 177 6.23 33.41 -5.92
CA PRO E 177 6.84 32.40 -6.78
C PRO E 177 7.24 33.00 -8.12
N LYS E 178 8.02 32.26 -8.91
CA LYS E 178 8.34 32.66 -10.28
C LYS E 178 7.02 33.01 -10.97
N SER E 179 6.07 32.11 -10.82
CA SER E 179 4.68 32.33 -11.16
C SER E 179 3.98 31.01 -10.91
N PHE E 180 2.70 30.94 -11.23
CA PHE E 180 1.86 29.82 -10.82
C PHE E 180 2.41 28.45 -11.25
N ASP E 181 3.06 28.40 -12.41
CA ASP E 181 3.61 27.14 -12.89
C ASP E 181 4.54 26.53 -11.84
N ASP E 182 5.33 27.37 -11.19
CA ASP E 182 6.26 26.90 -10.16
C ASP E 182 5.59 26.54 -8.84
N LEU E 183 4.33 26.94 -8.70
CA LEU E 183 3.56 26.61 -7.51
C LEU E 183 3.42 25.10 -7.41
N LYS E 184 3.21 24.47 -8.56
CA LYS E 184 3.02 23.01 -8.59
C LYS E 184 4.35 22.28 -8.43
N ASN E 185 5.44 23.04 -8.37
CA ASN E 185 6.77 22.47 -8.34
C ASN E 185 7.72 23.25 -7.44
N ILE E 186 7.45 23.22 -6.14
CA ILE E 186 8.23 23.95 -5.13
C ILE E 186 9.34 23.07 -4.54
N ASP E 187 10.54 23.61 -4.45
CA ASP E 187 11.64 22.85 -3.85
C ASP E 187 11.16 22.27 -2.54
N THR E 188 11.02 20.94 -2.52
CA THR E 188 10.46 20.22 -1.37
C THR E 188 11.41 20.31 -0.21
N LYS E 189 12.53 20.98 -0.45
CA LYS E 189 13.67 21.07 0.45
C LYS E 189 13.52 22.30 1.34
N LYS E 190 12.33 22.90 1.30
CA LYS E 190 12.09 24.14 2.03
C LYS E 190 10.84 24.07 2.88
N LEU E 191 10.32 22.86 3.07
CA LEU E 191 9.04 22.73 3.75
C LEU E 191 9.19 22.41 5.23
N LEU E 192 9.00 23.45 6.04
CA LEU E 192 9.12 23.35 7.48
C LEU E 192 7.79 22.92 8.07
N VAL E 193 7.41 21.69 7.76
CA VAL E 193 6.16 21.13 8.25
C VAL E 193 6.37 20.56 9.64
N ARG E 194 5.28 20.12 10.27
CA ARG E 194 5.36 19.55 11.61
C ARG E 194 6.57 18.63 11.71
N GLY E 195 7.29 18.70 12.83
CA GLY E 195 8.42 17.82 13.05
C GLY E 195 9.59 18.44 13.80
N LEU E 196 10.59 17.61 14.09
CA LEU E 196 11.78 18.04 14.79
C LEU E 196 12.88 18.42 13.81
N TYR E 197 13.58 19.51 14.11
CA TYR E 197 14.69 19.93 13.28
C TYR E 197 15.92 20.16 14.16
N ARG E 198 17.08 19.77 13.65
CA ARG E 198 18.32 20.04 14.36
C ARG E 198 19.15 21.04 13.58
N ILE E 199 19.62 22.07 14.29
CA ILE E 199 20.52 23.05 13.71
C ILE E 199 21.91 22.80 14.25
N SER E 200 22.86 22.55 13.36
CA SER E 200 24.24 22.33 13.75
C SER E 200 25.04 23.60 13.60
N PHE E 201 25.50 24.15 14.72
CA PHE E 201 26.41 25.28 14.68
C PHE E 201 27.83 24.75 14.73
N THR E 202 28.51 24.84 13.61
CA THR E 202 29.78 24.16 13.44
C THR E 202 30.82 25.05 12.75
N THR E 203 31.84 24.44 12.18
CA THR E 203 32.99 25.18 11.69
C THR E 203 33.32 24.85 10.24
N TYR E 204 33.89 25.81 9.53
CA TYR E 204 34.38 25.56 8.18
C TYR E 204 35.54 24.58 8.25
N LYS E 205 36.41 24.80 9.23
CA LYS E 205 37.65 24.05 9.35
C LYS E 205 37.49 22.78 10.17
N PRO E 206 37.98 21.64 9.65
CA PRO E 206 37.95 20.39 10.41
C PRO E 206 38.94 20.46 11.57
N GLY E 207 38.68 19.68 12.62
CA GLY E 207 39.61 19.62 13.74
C GLY E 207 39.48 20.72 14.75
N GLU E 208 40.54 20.95 15.51
CA GLU E 208 40.52 21.89 16.63
C GLU E 208 40.39 23.35 16.19
N VAL E 209 39.53 24.07 16.92
CA VAL E 209 39.27 25.48 16.68
C VAL E 209 39.07 26.15 18.03
N LYS E 210 39.18 27.47 18.07
CA LYS E 210 39.08 28.19 19.34
C LYS E 210 38.38 29.53 19.15
N GLY E 211 37.44 29.83 20.05
CA GLY E 211 36.74 31.11 19.99
C GLY E 211 35.29 31.09 20.41
N SER E 212 34.75 32.28 20.68
CA SER E 212 33.36 32.44 21.06
C SER E 212 32.49 32.55 19.82
N PHE E 213 31.19 32.31 19.99
CA PHE E 213 30.25 32.53 18.91
C PHE E 213 28.85 32.85 19.42
N VAL E 214 28.09 33.57 18.61
CA VAL E 214 26.68 33.81 18.92
C VAL E 214 25.82 33.31 17.77
N ALA E 215 24.86 32.45 18.11
CA ALA E 215 23.95 31.88 17.13
C ALA E 215 22.58 32.52 17.29
N SER E 216 21.90 32.74 16.18
CA SER E 216 20.55 33.30 16.21
C SER E 216 19.61 32.46 15.36
N VAL E 217 18.45 32.17 15.92
CA VAL E 217 17.41 31.43 15.19
C VAL E 217 16.10 32.22 15.20
N GLY E 218 15.51 32.39 14.04
CA GLY E 218 14.22 33.06 13.93
C GLY E 218 13.22 32.22 13.18
N LEU E 219 11.98 32.21 13.68
CA LEU E 219 10.90 31.46 13.06
C LEU E 219 9.73 32.37 12.73
N LEU E 220 9.29 32.35 11.47
CA LEU E 220 8.22 33.24 11.04
C LEU E 220 6.85 32.67 11.41
N PHE E 221 6.47 32.81 12.69
CA PHE E 221 5.21 32.29 13.20
C PHE E 221 4.89 32.90 14.57
N PRO E 222 3.60 33.22 14.81
CA PRO E 222 3.13 33.80 16.07
C PRO E 222 3.60 33.00 17.28
N PRO E 223 4.23 33.66 18.25
CA PRO E 223 4.80 33.00 19.42
C PRO E 223 3.73 32.79 20.50
N GLY E 224 4.05 31.95 21.49
CA GLY E 224 3.25 31.84 22.69
C GLY E 224 1.85 31.28 22.57
N ILE E 225 1.64 30.40 21.59
CA ILE E 225 0.38 29.67 21.50
C ILE E 225 0.66 28.20 21.74
N PRO E 226 0.47 27.74 22.98
CA PRO E 226 0.85 26.39 23.40
C PRO E 226 0.32 25.31 22.46
N GLY E 227 1.21 24.44 22.00
CA GLY E 227 0.86 23.37 21.10
C GLY E 227 0.76 23.77 19.64
N VAL E 228 0.92 25.07 19.37
CA VAL E 228 0.78 25.59 18.02
C VAL E 228 2.02 26.36 17.58
N SER E 229 2.61 27.10 18.52
CA SER E 229 3.82 27.85 18.25
C SER E 229 5.04 26.96 18.43
N PRO E 230 6.10 27.22 17.65
CA PRO E 230 7.34 26.45 17.69
C PRO E 230 8.04 26.57 19.04
N LEU E 231 8.84 25.57 19.39
CA LEU E 231 9.68 25.61 20.59
C LEU E 231 11.13 25.36 20.20
N ILE E 232 12.05 25.95 20.95
CA ILE E 232 13.46 25.80 20.68
C ILE E 232 14.22 25.52 21.97
N HIS E 233 15.20 24.63 21.91
CA HIS E 233 16.03 24.32 23.06
C HIS E 233 17.28 23.54 22.66
N SER E 234 18.35 23.70 23.43
CA SER E 234 19.62 23.04 23.16
C SER E 234 19.66 21.62 23.69
N ASN E 235 18.79 21.33 24.66
CA ASN E 235 18.67 19.98 25.22
C ASN E 235 17.39 19.31 24.73
N PRO E 236 17.54 18.17 24.04
CA PRO E 236 16.38 17.50 23.41
C PRO E 236 15.39 16.97 24.44
N GLU E 237 15.89 16.53 25.59
CA GLU E 237 15.01 16.04 26.64
C GLU E 237 14.12 17.18 27.15
N GLU E 238 14.74 18.31 27.48
CA GLU E 238 14.02 19.48 27.92
C GLU E 238 12.99 19.92 26.88
N LEU E 239 13.39 19.91 25.61
CA LEU E 239 12.49 20.31 24.53
C LEU E 239 11.26 19.41 24.50
N GLN E 240 11.47 18.13 24.76
CA GLN E 240 10.37 17.16 24.77
C GLN E 240 9.40 17.46 25.91
N LYS E 241 9.95 17.62 27.10
CA LYS E 241 9.15 17.96 28.28
C LYS E 241 8.23 19.14 27.98
N GLN E 242 8.79 20.19 27.42
CA GLN E 242 8.02 21.39 27.09
C GLN E 242 7.03 21.14 25.95
N ALA E 243 7.49 20.46 24.90
CA ALA E 243 6.64 20.19 23.75
C ALA E 243 5.45 19.32 24.12
N ILE E 244 5.66 18.41 25.07
CA ILE E 244 4.60 17.56 25.58
C ILE E 244 3.59 18.37 26.38
N ALA E 245 4.08 19.08 27.39
CA ALA E 245 3.24 19.92 28.22
C ALA E 245 2.40 20.88 27.38
N ALA E 246 3.04 21.48 26.37
CA ALA E 246 2.36 22.45 25.51
C ALA E 246 1.16 21.85 24.79
N GLU E 247 1.30 20.63 24.28
CA GLU E 247 0.20 19.97 23.59
C GLU E 247 -0.85 19.48 24.59
N GLU E 248 -0.40 19.12 25.79
CA GLU E 248 -1.32 18.76 26.85
C GLU E 248 -2.21 19.95 27.19
N SER E 249 -1.59 21.12 27.29
CA SER E 249 -2.29 22.37 27.51
C SER E 249 -3.31 22.63 26.40
N LEU E 250 -2.91 22.35 25.17
CA LEU E 250 -3.78 22.51 24.02
C LEU E 250 -4.95 21.54 24.08
N LYS E 251 -4.65 20.27 24.37
CA LYS E 251 -5.67 19.26 24.59
C LYS E 251 -6.73 19.77 25.56
N LYS E 252 -6.28 20.06 26.77
CA LYS E 252 -7.12 20.54 27.85
C LYS E 252 -8.03 21.70 27.42
N ALA E 253 -7.45 22.70 26.76
CA ALA E 253 -8.20 23.85 26.29
C ALA E 253 -9.29 23.45 25.30
N ALA E 254 -9.03 22.39 24.53
CA ALA E 254 -9.93 21.95 23.48
C ALA E 254 -11.01 20.99 23.99
N SER E 255 -11.02 20.78 25.30
CA SER E 255 -12.06 19.95 25.92
C SER E 255 -12.53 20.56 27.24
N ASP E 256 -12.52 19.91 28.28
CA CA F . -17.96 -15.27 -28.38
CA CA G . 9.06 1.36 19.29
CA CA H . 12.97 -29.12 -4.64
CA CA I . -22.06 14.45 -3.02
CA CA J . 31.97 30.56 7.08
#